data_5HE5
#
_entry.id   5HE5
#
_cell.length_a   86.458
_cell.length_b   89.308
_cell.length_c   131.437
_cell.angle_alpha   90.000
_cell.angle_beta   90.000
_cell.angle_gamma   90.000
#
_symmetry.space_group_name_H-M   'P 21 21 21'
#
loop_
_entity.id
_entity.type
_entity.pdbx_description
1 polymer 'Beta-secretase 1'
2 non-polymer 'L(+)-TARTARIC ACID'
3 non-polymer 5-{(2E,4aR,7aR)-6-[5-fluoro-4-methyl-6-(methylamino)pyrimidin-2-yl]-2-imino-3-methyl-4-oxooctahydro-7aH-pyrrolo[3,4-d]pyrimidin-7a-yl}thiophene-2-carbonitrile
4 water water
#
_entity_poly.entity_id   1
_entity_poly.type   'polypeptide(L)'
_entity_poly.pdbx_seq_one_letter_code
;LRLPRETDEEPEEPGRRGSFVEMVDNLRGKSGQGYYVEMTVGSPPQTLNILVDTGSSNFAVGAAPHPFLHRYYQRQLSST
YRDLRKGVYVPYTQGKWEGELGTDLVSIPHGPNVTVRANIAAITESDKFFINGSNWEGILGLAYAEIARPDDSLEPFFDS
LVKQTHVPNLFSLQLCGAGFPLNQSEVLASVGGSMIIGGIDHSLYTGSLWYTPIRREWYYEVIIVRVEINGQDLKMDCKE
YNYDKSIVDSGTTNLRLPKKVFEAAVKSIKAASSTEKFPDGFWLGEQLVCWQAGTTPWNIFPVISLYLMGEVTNQSFRIT
ILPQQYLRPVEDVATSQDDCYKFAISQSSTGTVMGAVIMEGFYVVFDRARKRIGFAVSACHVHDEFRTAAVEGPFVTLDM
EDCGYNIPQTDEST
;
_entity_poly.pdbx_strand_id   A,B
#
loop_
_chem_comp.id
_chem_comp.type
_chem_comp.name
_chem_comp.formula
60S non-polymer 5-{(2E,4aR,7aR)-6-[5-fluoro-4-methyl-6-(methylamino)pyrimidin-2-yl]-2-imino-3-methyl-4-oxooctahydro-7aH-pyrrolo[3,4-d]pyrimidin-7a-yl}thiophene-2-carbonitrile 'C18 H19 F N8 O S'
TLA non-polymer 'L(+)-TARTARIC ACID' 'C4 H6 O6'
#
# COMPACT_ATOMS: atom_id res chain seq x y z
N GLY A 18 -8.67 17.69 -36.79
CA GLY A 18 -9.24 18.96 -37.23
C GLY A 18 -10.65 19.25 -36.73
N SER A 19 -11.65 19.08 -37.63
CA SER A 19 -13.07 19.35 -37.43
C SER A 19 -13.89 18.15 -38.01
N PHE A 20 -14.67 17.52 -37.14
CA PHE A 20 -15.48 16.34 -37.44
C PHE A 20 -16.90 16.64 -36.99
N VAL A 21 -17.51 17.65 -37.63
CA VAL A 21 -18.83 18.15 -37.27
C VAL A 21 -19.89 17.04 -37.25
N GLU A 22 -19.83 16.07 -38.16
CA GLU A 22 -20.82 14.99 -38.20
C GLU A 22 -20.78 14.13 -36.91
N MET A 23 -19.61 14.07 -36.23
CA MET A 23 -19.50 13.26 -35.01
C MET A 23 -19.58 14.05 -33.71
N VAL A 24 -19.42 15.38 -33.76
CA VAL A 24 -19.53 16.14 -32.53
C VAL A 24 -20.97 16.03 -32.00
N ASP A 25 -21.11 15.85 -30.66
CA ASP A 25 -22.37 15.78 -29.96
C ASP A 25 -23.17 14.54 -30.33
N ASN A 26 -22.46 13.42 -30.61
CA ASN A 26 -23.16 12.15 -30.96
C ASN A 26 -23.40 11.24 -29.76
N LEU A 27 -23.00 11.66 -28.54
CA LEU A 27 -23.25 10.81 -27.38
C LEU A 27 -24.37 11.36 -26.51
N ARG A 28 -25.00 10.47 -25.75
CA ARG A 28 -26.00 10.83 -24.75
C ARG A 28 -25.73 10.00 -23.52
N GLY A 29 -26.30 10.40 -22.40
CA GLY A 29 -26.13 9.65 -21.16
C GLY A 29 -25.50 10.50 -20.08
N LYS A 30 -25.06 9.81 -19.03
CA LYS A 30 -24.46 10.46 -17.85
C LYS A 30 -23.59 9.45 -17.16
N SER A 31 -22.74 9.90 -16.20
CA SER A 31 -21.74 8.99 -15.61
C SER A 31 -22.30 7.79 -14.88
N GLY A 32 -23.43 7.94 -14.18
CA GLY A 32 -24.02 6.84 -13.42
C GLY A 32 -24.65 5.72 -14.24
N GLN A 33 -25.13 6.03 -15.47
CA GLN A 33 -25.87 5.06 -16.32
C GLN A 33 -25.11 4.75 -17.62
N GLY A 34 -24.03 5.45 -17.87
CA GLY A 34 -23.21 5.26 -19.06
C GLY A 34 -23.51 6.22 -20.20
N TYR A 35 -22.52 6.36 -21.11
CA TYR A 35 -22.64 7.23 -22.29
C TYR A 35 -22.78 6.33 -23.50
N TYR A 36 -23.72 6.65 -24.38
CA TYR A 36 -23.99 5.76 -25.50
C TYR A 36 -24.07 6.49 -26.81
N VAL A 37 -23.87 5.74 -27.90
CA VAL A 37 -23.87 6.24 -29.28
C VAL A 37 -24.91 5.44 -30.05
N GLU A 38 -25.54 6.07 -31.05
CA GLU A 38 -26.48 5.31 -31.89
C GLU A 38 -25.69 4.49 -32.90
N MET A 39 -26.11 3.22 -33.09
CA MET A 39 -25.50 2.37 -34.12
C MET A 39 -26.63 1.69 -34.87
N THR A 40 -26.31 1.13 -36.05
CA THR A 40 -27.31 0.31 -36.72
C THR A 40 -26.67 -1.03 -37.00
N VAL A 41 -27.50 -2.07 -36.95
CA VAL A 41 -27.03 -3.45 -37.23
C VAL A 41 -28.01 -4.09 -38.21
N GLY A 42 -27.47 -4.85 -39.15
CA GLY A 42 -28.32 -5.63 -40.07
C GLY A 42 -28.81 -4.92 -41.29
N SER A 43 -29.51 -5.70 -42.15
CA SER A 43 -30.08 -5.22 -43.41
C SER A 43 -31.54 -5.70 -43.48
N PRO A 44 -32.53 -4.79 -43.47
CA PRO A 44 -32.41 -3.32 -43.37
C PRO A 44 -31.85 -2.94 -41.98
N PRO A 45 -31.29 -1.73 -41.85
CA PRO A 45 -30.67 -1.37 -40.56
C PRO A 45 -31.63 -1.30 -39.38
N GLN A 46 -31.20 -1.90 -38.24
CA GLN A 46 -31.95 -1.88 -36.99
C GLN A 46 -31.18 -0.93 -36.08
N THR A 47 -31.83 0.15 -35.69
CA THR A 47 -31.18 1.16 -34.83
C THR A 47 -31.16 0.71 -33.38
N LEU A 48 -29.99 0.85 -32.72
CA LEU A 48 -29.85 0.54 -31.29
C LEU A 48 -28.92 1.59 -30.68
N ASN A 49 -29.11 1.85 -29.38
CA ASN A 49 -28.21 2.74 -28.62
C ASN A 49 -27.22 1.84 -27.91
N ILE A 50 -25.92 2.21 -28.02
CA ILE A 50 -24.86 1.33 -27.57
C ILE A 50 -23.91 2.03 -26.61
N LEU A 51 -23.72 1.45 -25.42
CA LEU A 51 -22.79 1.97 -24.42
C LEU A 51 -21.37 1.98 -24.94
N VAL A 52 -20.65 3.11 -24.82
CA VAL A 52 -19.25 3.20 -25.24
C VAL A 52 -18.38 2.75 -24.06
N ASP A 53 -17.68 1.60 -24.22
CA ASP A 53 -16.90 1.02 -23.13
C ASP A 53 -15.44 0.81 -23.49
N THR A 54 -14.55 1.69 -23.01
CA THR A 54 -13.13 1.49 -23.28
C THR A 54 -12.52 0.42 -22.34
N GLY A 55 -13.34 -0.17 -21.44
CA GLY A 55 -12.90 -1.21 -20.50
C GLY A 55 -13.24 -2.64 -20.91
N SER A 56 -13.69 -2.86 -22.16
CA SER A 56 -13.97 -4.22 -22.65
C SER A 56 -13.77 -4.23 -24.15
N SER A 57 -13.90 -5.42 -24.79
CA SER A 57 -13.55 -5.51 -26.20
C SER A 57 -14.55 -6.27 -27.05
N ASN A 58 -15.76 -6.50 -26.56
CA ASN A 58 -16.80 -7.15 -27.35
C ASN A 58 -17.88 -6.17 -27.77
N PHE A 59 -18.46 -6.40 -28.96
CA PHE A 59 -19.64 -5.69 -29.40
C PHE A 59 -20.79 -6.65 -29.14
N ALA A 60 -21.67 -6.30 -28.20
CA ALA A 60 -22.74 -7.20 -27.77
C ALA A 60 -24.01 -6.45 -27.64
N VAL A 61 -25.10 -7.03 -28.17
CA VAL A 61 -26.37 -6.33 -28.14
C VAL A 61 -27.50 -7.23 -27.63
N GLY A 62 -28.49 -6.62 -26.97
CA GLY A 62 -29.68 -7.37 -26.59
C GLY A 62 -30.31 -7.95 -27.85
N ALA A 63 -30.62 -9.27 -27.82
CA ALA A 63 -31.15 -9.96 -29.00
C ALA A 63 -32.37 -10.80 -28.67
N ALA A 64 -32.99 -10.53 -27.50
CA ALA A 64 -34.16 -11.23 -26.99
C ALA A 64 -34.87 -10.29 -26.02
N PRO A 65 -36.19 -10.45 -25.82
CA PRO A 65 -36.90 -9.54 -24.92
C PRO A 65 -36.35 -9.55 -23.50
N HIS A 66 -36.35 -8.37 -22.89
CA HIS A 66 -35.91 -8.17 -21.51
C HIS A 66 -36.79 -7.05 -20.95
N PRO A 67 -37.20 -7.12 -19.66
CA PRO A 67 -38.05 -6.05 -19.11
C PRO A 67 -37.54 -4.62 -19.27
N PHE A 68 -36.19 -4.43 -19.33
CA PHE A 68 -35.60 -3.10 -19.43
C PHE A 68 -35.29 -2.64 -20.87
N LEU A 69 -35.62 -3.47 -21.87
CA LEU A 69 -35.33 -3.15 -23.26
C LEU A 69 -36.65 -2.90 -23.99
N HIS A 70 -36.73 -1.81 -24.79
CA HIS A 70 -37.91 -1.57 -25.61
C HIS A 70 -37.62 -1.91 -27.08
N ARG A 71 -36.36 -2.26 -27.36
CA ARG A 71 -35.95 -2.77 -28.66
C ARG A 71 -34.75 -3.68 -28.52
N TYR A 72 -34.55 -4.55 -29.50
CA TYR A 72 -33.46 -5.49 -29.50
C TYR A 72 -33.17 -5.94 -30.92
N TYR A 73 -32.00 -6.52 -31.12
CA TYR A 73 -31.55 -7.02 -32.42
C TYR A 73 -32.32 -8.27 -32.77
N GLN A 74 -32.96 -8.24 -33.93
CA GLN A 74 -33.77 -9.36 -34.46
C GLN A 74 -33.03 -9.96 -35.67
N ARG A 75 -32.23 -10.98 -35.40
CA ARG A 75 -31.36 -11.64 -36.38
C ARG A 75 -32.15 -12.18 -37.57
N GLN A 76 -33.35 -12.71 -37.31
CA GLN A 76 -34.19 -13.29 -38.37
C GLN A 76 -34.67 -12.25 -39.37
N LEU A 77 -34.60 -10.95 -39.01
CA LEU A 77 -35.02 -9.86 -39.89
C LEU A 77 -33.88 -9.25 -40.68
N SER A 78 -32.66 -9.76 -40.48
CA SER A 78 -31.51 -9.22 -41.20
C SER A 78 -31.04 -10.18 -42.27
N SER A 79 -31.05 -9.73 -43.52
CA SER A 79 -30.62 -10.59 -44.64
C SER A 79 -29.11 -10.84 -44.65
N THR A 80 -28.34 -9.97 -43.95
CA THR A 80 -26.89 -10.05 -43.91
C THR A 80 -26.36 -10.71 -42.63
N TYR A 81 -27.26 -11.19 -41.78
CA TYR A 81 -26.86 -11.91 -40.57
C TYR A 81 -26.14 -13.22 -40.96
N ARG A 82 -25.05 -13.52 -40.26
CA ARG A 82 -24.28 -14.77 -40.44
C ARG A 82 -24.07 -15.39 -39.06
N ASP A 83 -24.51 -16.63 -38.88
CA ASP A 83 -24.40 -17.32 -37.62
C ASP A 83 -23.02 -17.97 -37.48
N LEU A 84 -22.28 -17.68 -36.40
CA LEU A 84 -20.97 -18.28 -36.16
C LEU A 84 -21.09 -19.62 -35.42
N ARG A 85 -22.31 -20.02 -35.02
CA ARG A 85 -22.60 -21.32 -34.37
C ARG A 85 -21.78 -21.52 -33.11
N LYS A 86 -21.66 -20.47 -32.31
CA LYS A 86 -20.85 -20.53 -31.11
C LYS A 86 -21.44 -19.61 -30.05
N GLY A 87 -21.44 -20.11 -28.83
CA GLY A 87 -21.92 -19.36 -27.69
C GLY A 87 -20.80 -18.58 -27.04
N VAL A 88 -21.20 -17.61 -26.23
CA VAL A 88 -20.24 -16.78 -25.48
C VAL A 88 -20.88 -16.48 -24.12
N TYR A 89 -20.13 -16.76 -23.03
CA TYR A 89 -20.58 -16.57 -21.65
C TYR A 89 -19.65 -15.58 -21.00
N VAL A 90 -20.21 -14.44 -20.54
CA VAL A 90 -19.37 -13.40 -19.96
C VAL A 90 -19.80 -13.05 -18.53
N PRO A 91 -19.27 -13.79 -17.53
CA PRO A 91 -19.52 -13.38 -16.14
C PRO A 91 -18.45 -12.33 -15.78
N TYR A 92 -18.87 -11.27 -15.13
CA TYR A 92 -17.92 -10.27 -14.65
C TYR A 92 -18.25 -9.96 -13.19
N THR A 93 -17.54 -9.05 -12.53
CA THR A 93 -17.76 -8.85 -11.09
C THR A 93 -19.21 -8.47 -10.74
N GLN A 94 -19.76 -7.44 -11.37
CA GLN A 94 -21.08 -6.94 -11.01
C GLN A 94 -22.25 -7.53 -11.78
N GLY A 95 -22.01 -8.44 -12.71
CA GLY A 95 -23.09 -8.98 -13.52
C GLY A 95 -22.64 -9.97 -14.56
N LYS A 96 -23.53 -10.29 -15.51
CA LYS A 96 -23.19 -11.27 -16.52
C LYS A 96 -24.10 -11.17 -17.73
N TRP A 97 -23.60 -11.65 -18.85
CA TRP A 97 -24.40 -11.79 -20.06
C TRP A 97 -23.97 -13.02 -20.80
N GLU A 98 -24.90 -13.59 -21.54
CA GLU A 98 -24.64 -14.80 -22.32
C GLU A 98 -25.25 -14.57 -23.68
N GLY A 99 -24.60 -15.08 -24.71
CA GLY A 99 -25.15 -14.89 -26.03
C GLY A 99 -24.65 -15.83 -27.10
N GLU A 100 -25.02 -15.50 -28.32
CA GLU A 100 -24.71 -16.29 -29.49
C GLU A 100 -23.93 -15.41 -30.45
N LEU A 101 -22.80 -15.90 -30.93
CA LEU A 101 -21.94 -15.15 -31.84
C LEU A 101 -22.39 -15.21 -33.28
N GLY A 102 -22.27 -14.09 -33.96
CA GLY A 102 -22.57 -13.98 -35.37
C GLY A 102 -21.89 -12.76 -35.93
N THR A 103 -22.09 -12.49 -37.23
CA THR A 103 -21.56 -11.27 -37.82
C THR A 103 -22.70 -10.58 -38.58
N ASP A 104 -22.57 -9.28 -38.79
CA ASP A 104 -23.56 -8.54 -39.57
C ASP A 104 -22.94 -7.23 -40.00
N LEU A 105 -23.65 -6.48 -40.86
CA LEU A 105 -23.19 -5.17 -41.30
C LEU A 105 -23.61 -4.14 -40.24
N VAL A 106 -22.63 -3.30 -39.84
CA VAL A 106 -22.81 -2.33 -38.74
C VAL A 106 -22.38 -0.96 -39.20
N SER A 107 -23.15 0.06 -38.79
CA SER A 107 -22.86 1.46 -39.12
C SER A 107 -23.08 2.31 -37.88
N ILE A 108 -22.48 3.52 -37.92
CA ILE A 108 -22.66 4.51 -36.86
C ILE A 108 -23.23 5.75 -37.58
N PRO A 109 -24.55 6.00 -37.46
CA PRO A 109 -25.18 7.13 -38.21
C PRO A 109 -24.49 8.48 -38.04
N HIS A 110 -24.04 8.80 -36.81
CA HIS A 110 -23.33 10.04 -36.57
C HIS A 110 -21.87 9.71 -36.38
N GLY A 111 -21.29 9.11 -37.41
CA GLY A 111 -19.95 8.56 -37.37
C GLY A 111 -19.26 8.71 -38.69
N PRO A 112 -18.31 7.81 -38.98
CA PRO A 112 -17.64 7.82 -40.28
C PRO A 112 -18.69 7.28 -41.28
N ASN A 113 -18.62 7.71 -42.47
CA ASN A 113 -19.64 7.27 -43.40
C ASN A 113 -19.23 5.95 -44.05
N VAL A 114 -19.18 4.90 -43.22
CA VAL A 114 -18.74 3.56 -43.64
C VAL A 114 -19.62 2.50 -43.01
N THR A 115 -19.67 1.32 -43.62
CA THR A 115 -20.42 0.18 -43.08
C THR A 115 -19.43 -0.95 -43.07
N VAL A 116 -19.36 -1.66 -41.95
CA VAL A 116 -18.41 -2.75 -41.84
C VAL A 116 -19.06 -4.04 -41.43
N ARG A 117 -18.41 -5.14 -41.73
CA ARG A 117 -18.87 -6.46 -41.32
C ARG A 117 -18.17 -6.72 -39.99
N ALA A 118 -18.93 -6.82 -38.91
CA ALA A 118 -18.35 -6.97 -37.58
C ALA A 118 -18.93 -8.14 -36.81
N ASN A 119 -18.17 -8.64 -35.83
CA ASN A 119 -18.67 -9.63 -34.91
C ASN A 119 -19.72 -8.99 -34.00
N ILE A 120 -20.78 -9.73 -33.70
CA ILE A 120 -21.80 -9.27 -32.79
C ILE A 120 -22.17 -10.43 -31.88
N ALA A 121 -22.14 -10.19 -30.57
CA ALA A 121 -22.64 -11.17 -29.63
C ALA A 121 -24.10 -10.82 -29.36
N ALA A 122 -25.01 -11.73 -29.76
CA ALA A 122 -26.43 -11.52 -29.60
C ALA A 122 -26.82 -12.00 -28.20
N ILE A 123 -27.06 -11.06 -27.28
CA ILE A 123 -27.35 -11.41 -25.89
C ILE A 123 -28.72 -12.01 -25.75
N THR A 124 -28.77 -13.27 -25.23
CA THR A 124 -30.02 -14.00 -25.05
C THR A 124 -30.44 -14.14 -23.58
N GLU A 125 -29.48 -13.98 -22.65
CA GLU A 125 -29.69 -14.08 -21.20
C GLU A 125 -28.73 -13.13 -20.53
N SER A 126 -29.16 -12.49 -19.42
CA SER A 126 -28.27 -11.56 -18.73
C SER A 126 -28.72 -11.38 -17.28
N ASP A 127 -27.83 -10.88 -16.43
CA ASP A 127 -28.11 -10.61 -15.03
C ASP A 127 -27.38 -9.35 -14.64
N LYS A 128 -28.16 -8.32 -14.24
CA LYS A 128 -27.67 -7.02 -13.78
C LYS A 128 -26.80 -6.31 -14.82
N PHE A 129 -27.05 -6.60 -16.11
CA PHE A 129 -26.31 -5.97 -17.20
C PHE A 129 -27.13 -4.76 -17.71
N PHE A 130 -28.34 -4.99 -18.24
CA PHE A 130 -29.22 -3.94 -18.70
C PHE A 130 -29.70 -3.12 -17.50
N ILE A 131 -29.69 -1.79 -17.64
CA ILE A 131 -30.06 -0.82 -16.61
C ILE A 131 -31.43 -0.22 -16.96
N ASN A 132 -32.35 -0.26 -16.00
CA ASN A 132 -33.69 0.32 -16.18
C ASN A 132 -33.58 1.84 -16.40
N GLY A 133 -34.03 2.29 -17.57
CA GLY A 133 -34.03 3.70 -17.96
C GLY A 133 -32.74 4.28 -18.51
N SER A 134 -31.72 3.42 -18.80
CA SER A 134 -30.43 3.89 -19.34
C SER A 134 -30.50 4.34 -20.80
N ASN A 135 -31.50 3.83 -21.53
CA ASN A 135 -31.75 4.08 -22.95
C ASN A 135 -30.75 3.35 -23.86
N TRP A 136 -29.91 2.41 -23.34
CA TRP A 136 -29.01 1.66 -24.22
C TRP A 136 -29.36 0.19 -24.23
N GLU A 137 -29.06 -0.46 -25.36
CA GLU A 137 -29.43 -1.84 -25.64
C GLU A 137 -28.27 -2.76 -25.95
N GLY A 138 -27.06 -2.25 -25.86
CA GLY A 138 -25.88 -3.06 -26.12
C GLY A 138 -24.65 -2.31 -25.68
N ILE A 139 -23.49 -2.91 -25.92
CA ILE A 139 -22.20 -2.39 -25.49
C ILE A 139 -21.18 -2.46 -26.59
N LEU A 140 -20.37 -1.42 -26.72
CA LEU A 140 -19.31 -1.37 -27.72
C LEU A 140 -17.99 -1.36 -26.98
N GLY A 141 -17.38 -2.53 -26.88
CA GLY A 141 -16.07 -2.66 -26.25
C GLY A 141 -14.98 -2.17 -27.19
N LEU A 142 -14.29 -1.11 -26.79
CA LEU A 142 -13.28 -0.45 -27.62
C LEU A 142 -11.85 -0.81 -27.28
N ALA A 143 -11.63 -1.72 -26.29
CA ALA A 143 -10.27 -2.09 -25.92
C ALA A 143 -9.76 -3.18 -26.89
N TYR A 144 -8.63 -3.81 -26.56
CA TYR A 144 -7.95 -4.71 -27.50
C TYR A 144 -8.40 -6.16 -27.44
N ALA A 145 -8.06 -6.91 -28.51
CA ALA A 145 -8.45 -8.29 -28.64
C ALA A 145 -8.03 -9.21 -27.49
N GLU A 146 -6.91 -8.91 -26.80
CA GLU A 146 -6.48 -9.75 -25.68
C GLU A 146 -7.57 -10.08 -24.68
N ILE A 147 -8.47 -9.11 -24.38
CA ILE A 147 -9.51 -9.30 -23.39
C ILE A 147 -10.93 -9.60 -23.99
N ALA A 148 -10.96 -9.85 -25.33
CA ALA A 148 -12.20 -10.23 -25.99
C ALA A 148 -12.61 -11.64 -25.58
N ARG A 149 -13.92 -11.88 -25.55
CA ARG A 149 -14.49 -13.21 -25.21
C ARG A 149 -15.12 -13.80 -26.44
N PRO A 150 -15.04 -15.13 -26.64
CA PRO A 150 -14.45 -16.16 -25.75
C PRO A 150 -12.93 -16.11 -25.67
N ASP A 151 -12.29 -15.56 -26.69
CA ASP A 151 -10.83 -15.42 -26.76
C ASP A 151 -10.42 -14.34 -27.74
N ASP A 152 -9.10 -14.11 -27.85
CA ASP A 152 -8.54 -13.05 -28.66
C ASP A 152 -8.69 -13.24 -30.18
N SER A 153 -9.26 -14.38 -30.62
CA SER A 153 -9.49 -14.57 -32.05
C SER A 153 -10.76 -13.84 -32.50
N LEU A 154 -11.60 -13.38 -31.55
CA LEU A 154 -12.84 -12.67 -31.90
C LEU A 154 -12.53 -11.20 -32.08
N GLU A 155 -12.31 -10.80 -33.33
CA GLU A 155 -11.88 -9.47 -33.69
C GLU A 155 -12.83 -8.40 -33.12
N PRO A 156 -12.31 -7.44 -32.30
CA PRO A 156 -13.18 -6.37 -31.80
C PRO A 156 -13.64 -5.43 -32.94
N PHE A 157 -14.74 -4.70 -32.67
CA PHE A 157 -15.32 -3.81 -33.67
C PHE A 157 -14.33 -2.83 -34.27
N PHE A 158 -13.56 -2.13 -33.42
CA PHE A 158 -12.67 -1.10 -33.94
C PHE A 158 -11.59 -1.67 -34.83
N ASP A 159 -11.11 -2.88 -34.51
CA ASP A 159 -10.11 -3.56 -35.34
C ASP A 159 -10.73 -3.84 -36.73
N SER A 160 -11.99 -4.31 -36.77
CA SER A 160 -12.68 -4.56 -38.05
C SER A 160 -12.85 -3.28 -38.84
N LEU A 161 -13.27 -2.20 -38.15
CA LEU A 161 -13.47 -0.93 -38.80
C LEU A 161 -12.18 -0.45 -39.48
N VAL A 162 -11.04 -0.51 -38.76
CA VAL A 162 -9.76 -0.07 -39.33
C VAL A 162 -9.32 -0.97 -40.48
N LYS A 163 -9.47 -2.28 -40.33
CA LYS A 163 -9.05 -3.25 -41.37
C LYS A 163 -9.85 -3.09 -42.65
N GLN A 164 -11.15 -2.84 -42.54
CA GLN A 164 -12.02 -2.80 -43.73
C GLN A 164 -12.16 -1.43 -44.41
N THR A 165 -11.74 -0.34 -43.74
CA THR A 165 -11.93 1.01 -44.27
C THR A 165 -10.65 1.82 -44.23
N HIS A 166 -10.69 3.10 -44.60
CA HIS A 166 -9.50 3.97 -44.49
C HIS A 166 -9.56 4.80 -43.20
N VAL A 167 -10.45 4.42 -42.24
CA VAL A 167 -10.56 5.17 -40.99
C VAL A 167 -9.24 5.04 -40.20
N PRO A 168 -8.61 6.17 -39.81
CA PRO A 168 -7.38 6.09 -39.03
C PRO A 168 -7.57 5.35 -37.70
N ASN A 169 -6.50 4.69 -37.23
CA ASN A 169 -6.54 3.85 -36.02
C ASN A 169 -6.45 4.71 -34.75
N LEU A 170 -7.49 5.48 -34.53
CA LEU A 170 -7.56 6.40 -33.38
C LEU A 170 -9.01 6.80 -33.16
N PHE A 171 -9.40 7.03 -31.89
CA PHE A 171 -10.69 7.62 -31.61
C PHE A 171 -10.51 8.51 -30.42
N SER A 172 -11.43 9.43 -30.22
CA SER A 172 -11.32 10.33 -29.07
C SER A 172 -12.67 10.49 -28.44
N LEU A 173 -12.68 10.70 -27.11
CA LEU A 173 -13.91 10.83 -26.35
C LEU A 173 -13.97 12.10 -25.52
N GLN A 174 -15.08 12.79 -25.60
CA GLN A 174 -15.40 13.95 -24.76
C GLN A 174 -16.70 13.58 -24.06
N LEU A 175 -16.61 13.15 -22.78
CA LEU A 175 -17.81 12.79 -21.98
C LEU A 175 -18.20 14.03 -21.21
N CYS A 176 -19.45 14.45 -21.34
CA CYS A 176 -19.88 15.71 -20.75
C CYS A 176 -20.81 15.53 -19.58
N GLY A 177 -20.32 15.81 -18.37
CA GLY A 177 -21.16 15.82 -17.18
C GLY A 177 -21.93 17.11 -17.18
N ALA A 178 -23.24 17.06 -16.82
CA ALA A 178 -24.03 18.30 -16.83
C ALA A 178 -23.70 19.22 -15.67
N GLY A 179 -23.25 18.64 -14.57
CA GLY A 179 -22.98 19.42 -13.35
C GLY A 179 -24.19 19.53 -12.44
N PHE A 180 -25.31 18.90 -12.82
CA PHE A 180 -26.54 18.89 -12.05
C PHE A 180 -27.34 17.67 -12.54
N PRO A 181 -28.35 17.22 -11.78
CA PRO A 181 -29.08 16.02 -12.19
C PRO A 181 -29.97 16.31 -13.40
N LEU A 182 -30.07 15.32 -14.27
CA LEU A 182 -30.93 15.41 -15.45
C LEU A 182 -32.07 14.44 -15.22
N ASN A 183 -33.32 14.91 -15.39
CA ASN A 183 -34.46 14.02 -15.22
C ASN A 183 -34.61 13.08 -16.44
N GLN A 184 -35.57 12.15 -16.41
CA GLN A 184 -35.81 11.19 -17.50
C GLN A 184 -35.94 11.87 -18.87
N SER A 185 -36.73 12.94 -18.99
CA SER A 185 -36.87 13.62 -20.27
C SER A 185 -35.64 14.44 -20.66
N GLU A 186 -35.00 15.13 -19.68
CA GLU A 186 -33.83 15.95 -19.93
C GLU A 186 -32.64 15.13 -20.43
N VAL A 187 -32.41 13.94 -19.85
CA VAL A 187 -31.27 13.11 -20.24
C VAL A 187 -31.49 12.55 -21.64
N LEU A 188 -32.74 12.44 -22.10
CA LEU A 188 -32.98 11.97 -23.46
C LEU A 188 -32.77 13.09 -24.46
N ALA A 189 -32.98 14.34 -24.02
CA ALA A 189 -32.85 15.51 -24.89
C ALA A 189 -31.48 16.17 -24.89
N SER A 190 -30.64 15.90 -23.87
CA SER A 190 -29.35 16.53 -23.68
C SER A 190 -28.23 15.87 -24.46
N VAL A 191 -27.22 16.67 -24.81
CA VAL A 191 -25.99 16.17 -25.45
C VAL A 191 -25.07 15.70 -24.35
N GLY A 192 -24.65 14.44 -24.42
CA GLY A 192 -23.78 13.86 -23.42
C GLY A 192 -22.31 13.86 -23.81
N GLY A 193 -22.01 14.30 -25.02
CA GLY A 193 -20.60 14.32 -25.42
C GLY A 193 -20.37 13.90 -26.85
N SER A 194 -19.12 13.58 -27.16
CA SER A 194 -18.71 13.22 -28.52
C SER A 194 -17.79 12.05 -28.53
N MET A 195 -17.97 11.16 -29.51
CA MET A 195 -17.01 10.13 -29.83
C MET A 195 -16.58 10.41 -31.26
N ILE A 196 -15.33 10.85 -31.45
CA ILE A 196 -14.80 11.15 -32.78
C ILE A 196 -14.04 9.93 -33.22
N ILE A 197 -14.56 9.26 -34.23
CA ILE A 197 -13.94 8.05 -34.77
C ILE A 197 -12.99 8.42 -35.90
N GLY A 198 -11.72 8.11 -35.70
CA GLY A 198 -10.67 8.37 -36.68
C GLY A 198 -10.01 9.72 -36.62
N GLY A 199 -10.24 10.47 -35.55
CA GLY A 199 -9.64 11.78 -35.48
C GLY A 199 -9.79 12.50 -34.17
N ILE A 200 -9.25 13.72 -34.15
CA ILE A 200 -9.24 14.66 -33.03
C ILE A 200 -9.95 15.90 -33.47
N ASP A 201 -10.95 16.33 -32.70
CA ASP A 201 -11.69 17.54 -33.01
C ASP A 201 -11.22 18.65 -32.07
N HIS A 202 -10.57 19.68 -32.63
CA HIS A 202 -9.98 20.76 -31.83
C HIS A 202 -11.01 21.64 -31.09
N SER A 203 -12.30 21.60 -31.46
CA SER A 203 -13.32 22.38 -30.75
C SER A 203 -13.66 21.80 -29.37
N LEU A 204 -13.25 20.55 -29.11
CA LEU A 204 -13.64 19.84 -27.89
C LEU A 204 -12.73 20.04 -26.72
N TYR A 205 -11.62 20.76 -26.92
CA TYR A 205 -10.69 20.98 -25.83
C TYR A 205 -10.06 22.36 -25.88
N THR A 206 -9.43 22.73 -24.77
CA THR A 206 -8.67 23.99 -24.68
C THR A 206 -7.25 23.63 -24.28
N GLY A 207 -6.30 24.51 -24.60
CA GLY A 207 -4.92 24.25 -24.26
C GLY A 207 -4.31 23.12 -25.07
N SER A 208 -3.24 22.53 -24.55
CA SER A 208 -2.49 21.48 -25.24
C SER A 208 -2.89 20.09 -24.88
N LEU A 209 -2.71 19.16 -25.82
CA LEU A 209 -2.88 17.73 -25.58
C LEU A 209 -1.53 17.21 -25.10
N TRP A 210 -1.55 16.41 -24.01
CA TRP A 210 -0.36 15.77 -23.46
C TRP A 210 -0.57 14.28 -23.53
N TYR A 211 0.44 13.54 -23.96
CA TYR A 211 0.30 12.11 -24.14
C TYR A 211 1.07 11.25 -23.17
N THR A 212 0.43 10.15 -22.76
CA THR A 212 1.03 9.14 -21.91
C THR A 212 1.12 7.83 -22.72
N PRO A 213 2.20 7.02 -22.60
CA PRO A 213 2.23 5.77 -23.36
C PRO A 213 1.18 4.78 -22.92
N ILE A 214 0.66 3.98 -23.88
CA ILE A 214 -0.17 2.83 -23.53
C ILE A 214 0.87 1.76 -23.15
N ARG A 215 0.90 1.36 -21.88
CA ARG A 215 1.91 0.44 -21.37
C ARG A 215 1.90 -0.89 -22.10
N ARG A 216 0.70 -1.43 -22.32
CA ARG A 216 0.46 -2.69 -22.97
C ARG A 216 -0.94 -2.64 -23.54
N GLU A 217 -1.13 -3.26 -24.70
CA GLU A 217 -2.40 -3.24 -25.43
C GLU A 217 -3.32 -4.39 -25.04
N TRP A 218 -4.14 -4.18 -24.00
CA TRP A 218 -5.15 -5.16 -23.56
C TRP A 218 -6.30 -4.27 -23.10
N TYR A 219 -6.25 -3.77 -21.87
CA TYR A 219 -7.04 -2.62 -21.46
C TYR A 219 -6.22 -1.43 -21.99
N TYR A 220 -6.74 -0.18 -21.84
CA TYR A 220 -5.93 1.00 -22.14
C TYR A 220 -5.13 1.28 -20.86
N GLU A 221 -4.03 0.55 -20.70
CA GLU A 221 -3.22 0.60 -19.47
C GLU A 221 -2.22 1.77 -19.52
N VAL A 222 -2.15 2.53 -18.38
CA VAL A 222 -1.23 3.66 -18.27
C VAL A 222 -0.46 3.54 -16.97
N ILE A 223 0.54 4.45 -16.77
CA ILE A 223 1.29 4.47 -15.52
C ILE A 223 1.19 5.85 -14.85
N ILE A 224 0.67 5.84 -13.61
CA ILE A 224 0.60 7.04 -12.73
C ILE A 224 1.91 7.10 -11.95
N VAL A 225 2.54 8.27 -11.91
CA VAL A 225 3.87 8.41 -11.27
C VAL A 225 3.86 9.27 -10.00
N ARG A 226 2.79 10.01 -9.76
CA ARG A 226 2.67 10.88 -8.57
C ARG A 226 1.20 11.23 -8.40
N VAL A 227 0.76 11.40 -7.15
CA VAL A 227 -0.60 11.84 -6.85
C VAL A 227 -0.50 12.96 -5.85
N GLU A 228 -1.25 14.05 -6.10
CA GLU A 228 -1.34 15.19 -5.16
C GLU A 228 -2.78 15.48 -4.83
N ILE A 229 -3.02 15.95 -3.60
CA ILE A 229 -4.31 16.42 -3.13
C ILE A 229 -4.08 17.89 -2.76
N ASN A 230 -4.60 18.86 -3.53
CA ASN A 230 -4.33 20.28 -3.26
C ASN A 230 -2.82 20.56 -3.21
N GLY A 231 -2.10 19.93 -4.13
CA GLY A 231 -0.67 20.16 -4.22
C GLY A 231 0.19 19.35 -3.24
N GLN A 232 -0.46 18.68 -2.28
CA GLN A 232 0.29 17.90 -1.28
C GLN A 232 0.47 16.50 -1.82
N ASP A 233 1.74 16.07 -1.90
CA ASP A 233 2.12 14.76 -2.39
C ASP A 233 1.57 13.66 -1.47
N LEU A 234 0.85 12.67 -2.05
CA LEU A 234 0.37 11.53 -1.27
C LEU A 234 1.57 10.71 -0.75
N LYS A 235 2.75 10.84 -1.40
CA LYS A 235 4.05 10.30 -0.98
C LYS A 235 4.08 8.79 -0.81
N MET A 236 3.32 8.07 -1.63
CA MET A 236 3.36 6.61 -1.62
C MET A 236 4.35 6.13 -2.66
N ASP A 237 4.87 4.89 -2.50
CA ASP A 237 5.73 4.29 -3.52
C ASP A 237 4.82 4.26 -4.79
N CYS A 238 5.31 4.78 -5.92
CA CYS A 238 4.47 4.91 -7.11
C CYS A 238 3.94 3.58 -7.64
N LYS A 239 4.58 2.46 -7.27
CA LYS A 239 4.05 1.17 -7.65
C LYS A 239 2.65 0.94 -7.06
N GLU A 240 2.37 1.54 -5.87
CA GLU A 240 1.07 1.40 -5.23
C GLU A 240 -0.05 2.00 -6.09
N TYR A 241 0.27 3.07 -6.83
CA TYR A 241 -0.76 3.73 -7.64
C TYR A 241 -1.19 2.89 -8.82
N ASN A 242 -0.36 1.91 -9.23
CA ASN A 242 -0.64 1.08 -10.40
C ASN A 242 -0.73 -0.38 -10.01
N TYR A 243 -1.14 -0.67 -8.76
CA TYR A 243 -1.24 -2.03 -8.29
C TYR A 243 -2.68 -2.51 -8.43
N ASP A 244 -3.01 -3.48 -9.31
CA ASP A 244 -2.11 -4.22 -10.19
C ASP A 244 -2.03 -3.67 -11.61
N LYS A 245 -2.83 -2.63 -11.90
CA LYS A 245 -2.78 -1.93 -13.17
C LYS A 245 -3.47 -0.61 -12.98
N SER A 246 -3.31 0.31 -13.95
CA SER A 246 -4.08 1.55 -14.00
C SER A 246 -4.67 1.60 -15.40
N ILE A 247 -6.00 1.80 -15.51
CA ILE A 247 -6.61 1.83 -16.84
C ILE A 247 -7.53 3.02 -17.03
N VAL A 248 -7.83 3.35 -18.32
CA VAL A 248 -8.77 4.42 -18.67
C VAL A 248 -10.04 3.70 -19.13
N ASP A 249 -11.15 3.88 -18.40
CA ASP A 249 -12.36 3.08 -18.64
C ASP A 249 -13.66 3.90 -18.64
N SER A 250 -14.20 4.15 -19.85
CA SER A 250 -15.45 4.91 -19.96
C SER A 250 -16.67 4.16 -19.42
N GLY A 251 -16.56 2.84 -19.21
CA GLY A 251 -17.64 2.03 -18.66
C GLY A 251 -17.72 2.00 -17.13
N THR A 252 -16.78 2.68 -16.43
CA THR A 252 -16.81 2.80 -14.95
C THR A 252 -17.26 4.22 -14.64
N THR A 253 -18.09 4.39 -13.63
CA THR A 253 -18.55 5.73 -13.23
C THR A 253 -17.46 6.44 -12.45
N ASN A 254 -16.90 5.77 -11.43
CA ASN A 254 -16.01 6.46 -10.50
C ASN A 254 -14.56 6.52 -10.90
N LEU A 255 -13.78 7.33 -10.12
CA LEU A 255 -12.34 7.21 -10.08
C LEU A 255 -12.15 6.11 -9.02
N ARG A 256 -11.61 4.95 -9.42
CA ARG A 256 -11.40 3.85 -8.45
C ARG A 256 -9.92 3.74 -8.17
N LEU A 257 -9.56 3.61 -6.87
CA LEU A 257 -8.15 3.57 -6.48
C LEU A 257 -7.87 2.29 -5.71
N PRO A 258 -6.65 1.75 -5.87
CA PRO A 258 -6.27 0.56 -5.06
C PRO A 258 -6.50 0.85 -3.58
N LYS A 259 -6.95 -0.15 -2.83
CA LYS A 259 -7.28 -0.04 -1.40
C LYS A 259 -6.35 0.91 -0.60
N LYS A 260 -5.04 0.66 -0.61
CA LYS A 260 -4.12 1.48 0.20
C LYS A 260 -4.09 2.94 -0.26
N VAL A 261 -4.17 3.14 -1.59
CA VAL A 261 -4.17 4.50 -2.18
C VAL A 261 -5.49 5.20 -1.83
N PHE A 262 -6.62 4.47 -1.92
CA PHE A 262 -7.89 5.04 -1.52
C PHE A 262 -7.87 5.47 -0.06
N GLU A 263 -7.33 4.62 0.83
CA GLU A 263 -7.28 4.97 2.26
C GLU A 263 -6.44 6.25 2.47
N ALA A 264 -5.30 6.38 1.79
CA ALA A 264 -4.45 7.56 1.95
C ALA A 264 -5.13 8.81 1.33
N ALA A 265 -5.74 8.64 0.13
CA ALA A 265 -6.38 9.76 -0.54
C ALA A 265 -7.57 10.26 0.25
N VAL A 266 -8.43 9.34 0.75
CA VAL A 266 -9.61 9.79 1.47
C VAL A 266 -9.20 10.51 2.78
N LYS A 267 -8.13 10.03 3.46
CA LYS A 267 -7.65 10.75 4.64
C LYS A 267 -7.26 12.17 4.29
N SER A 268 -6.56 12.35 3.14
CA SER A 268 -6.11 13.65 2.73
C SER A 268 -7.28 14.53 2.27
N ILE A 269 -8.27 13.94 1.57
CA ILE A 269 -9.43 14.74 1.12
C ILE A 269 -10.25 15.17 2.35
N LYS A 270 -10.43 14.26 3.33
CA LYS A 270 -11.12 14.63 4.58
C LYS A 270 -10.37 15.77 5.29
N ALA A 271 -9.03 15.69 5.37
CA ALA A 271 -8.25 16.73 6.06
C ALA A 271 -8.40 18.10 5.34
N ALA A 272 -8.39 18.08 4.01
CA ALA A 272 -8.51 19.32 3.26
C ALA A 272 -9.89 19.95 3.40
N SER A 273 -10.95 19.13 3.55
CA SER A 273 -12.34 19.57 3.64
C SER A 273 -12.85 19.59 5.09
N SER A 274 -11.91 19.58 6.07
CA SER A 274 -12.25 19.40 7.48
C SER A 274 -13.10 20.49 8.10
N THR A 275 -13.30 21.63 7.42
CA THR A 275 -14.22 22.64 7.98
C THR A 275 -15.67 22.16 7.98
N GLU A 276 -15.99 21.07 7.25
CA GLU A 276 -17.32 20.46 7.26
C GLU A 276 -17.12 18.96 7.49
N LYS A 277 -17.90 18.37 8.40
CA LYS A 277 -17.82 16.94 8.69
C LYS A 277 -18.91 16.22 7.90
N PHE A 278 -18.52 15.14 7.22
CA PHE A 278 -19.44 14.35 6.44
C PHE A 278 -19.53 12.95 7.06
N PRO A 279 -20.70 12.34 6.96
CA PRO A 279 -20.85 11.00 7.54
C PRO A 279 -20.01 9.93 6.83
N ASP A 280 -19.69 8.84 7.54
CA ASP A 280 -18.92 7.75 6.95
C ASP A 280 -19.56 7.22 5.65
N GLY A 281 -20.90 7.16 5.59
CA GLY A 281 -21.63 6.70 4.41
C GLY A 281 -21.33 7.54 3.19
N PHE A 282 -21.04 8.84 3.39
CA PHE A 282 -20.70 9.69 2.24
C PHE A 282 -19.36 9.26 1.64
N TRP A 283 -18.35 9.09 2.49
CA TRP A 283 -17.00 8.72 2.03
C TRP A 283 -16.95 7.32 1.41
N LEU A 284 -17.95 6.48 1.74
CA LEU A 284 -18.06 5.13 1.19
C LEU A 284 -18.81 5.15 -0.15
N GLY A 285 -19.23 6.34 -0.60
CA GLY A 285 -19.93 6.50 -1.87
C GLY A 285 -21.37 6.00 -1.87
N GLU A 286 -21.93 5.74 -0.69
CA GLU A 286 -23.28 5.20 -0.50
C GLU A 286 -24.35 6.27 -0.28
N GLN A 287 -24.02 7.31 0.49
CA GLN A 287 -24.96 8.30 0.97
C GLN A 287 -24.76 9.62 0.28
N LEU A 288 -25.86 10.28 -0.07
CA LEU A 288 -25.74 11.59 -0.66
C LEU A 288 -25.53 12.65 0.42
N VAL A 289 -24.94 13.78 0.03
CA VAL A 289 -24.79 14.99 0.85
C VAL A 289 -25.54 16.09 0.08
N CYS A 290 -26.27 16.94 0.79
CA CYS A 290 -27.09 18.00 0.19
C CYS A 290 -26.78 19.35 0.77
N TRP A 291 -26.87 20.39 -0.07
CA TRP A 291 -26.74 21.76 0.36
C TRP A 291 -27.90 22.57 -0.23
N GLN A 292 -28.26 23.68 0.44
CA GLN A 292 -29.28 24.60 -0.08
C GLN A 292 -28.87 24.97 -1.51
N ALA A 293 -29.85 25.11 -2.41
CA ALA A 293 -29.62 25.44 -3.80
C ALA A 293 -28.57 26.53 -4.00
N GLY A 294 -27.55 26.22 -4.81
CA GLY A 294 -26.48 27.14 -5.17
C GLY A 294 -25.37 27.32 -4.16
N THR A 295 -25.48 26.67 -3.00
CA THR A 295 -24.51 26.89 -1.90
C THR A 295 -23.45 25.81 -1.73
N THR A 296 -23.35 24.87 -2.69
CA THR A 296 -22.33 23.82 -2.59
C THR A 296 -20.96 24.46 -2.35
N PRO A 297 -20.26 24.07 -1.27
CA PRO A 297 -19.00 24.73 -0.92
C PRO A 297 -17.81 24.12 -1.65
N TRP A 298 -17.82 24.25 -2.98
CA TRP A 298 -16.76 23.66 -3.81
C TRP A 298 -15.36 23.97 -3.25
N ASN A 299 -15.17 25.21 -2.78
CA ASN A 299 -13.85 25.68 -2.35
C ASN A 299 -13.26 24.93 -1.16
N ILE A 300 -14.09 24.24 -0.37
CA ILE A 300 -13.53 23.49 0.78
C ILE A 300 -12.95 22.15 0.34
N PHE A 301 -13.34 21.67 -0.84
CA PHE A 301 -12.85 20.41 -1.38
C PHE A 301 -11.61 20.64 -2.21
N PRO A 302 -10.65 19.70 -2.12
CA PRO A 302 -9.38 19.90 -2.82
C PRO A 302 -9.43 19.50 -4.28
N VAL A 303 -8.46 20.01 -5.04
CA VAL A 303 -8.25 19.51 -6.38
C VAL A 303 -7.40 18.22 -6.24
N ILE A 304 -7.46 17.34 -7.24
CA ILE A 304 -6.69 16.10 -7.24
C ILE A 304 -5.92 16.05 -8.52
N SER A 305 -4.62 15.86 -8.41
CA SER A 305 -3.74 15.75 -9.58
C SER A 305 -3.16 14.38 -9.70
N LEU A 306 -3.22 13.82 -10.90
CA LEU A 306 -2.57 12.55 -11.20
C LEU A 306 -1.47 12.86 -12.22
N TYR A 307 -0.23 12.48 -11.91
CA TYR A 307 0.87 12.69 -12.84
C TYR A 307 1.04 11.41 -13.62
N LEU A 308 1.17 11.55 -14.92
CA LEU A 308 1.27 10.38 -15.81
C LEU A 308 2.61 10.39 -16.51
N MET A 309 3.12 9.20 -16.80
CA MET A 309 4.38 9.08 -17.56
C MET A 309 4.25 9.81 -18.91
N GLY A 310 5.26 10.56 -19.29
CA GLY A 310 5.25 11.28 -20.55
C GLY A 310 5.85 10.46 -21.68
N GLU A 311 5.88 11.04 -22.88
CA GLU A 311 6.44 10.31 -24.03
C GLU A 311 7.96 10.47 -24.09
N VAL A 312 8.48 11.52 -23.47
CA VAL A 312 9.93 11.84 -23.44
C VAL A 312 10.53 11.21 -22.19
N THR A 313 11.74 10.65 -22.30
CA THR A 313 12.42 10.02 -21.18
C THR A 313 12.51 11.02 -20.01
N ASN A 314 12.22 10.53 -18.80
CA ASN A 314 12.27 11.29 -17.54
C ASN A 314 11.33 12.51 -17.47
N GLN A 315 10.27 12.47 -18.26
CA GLN A 315 9.28 13.55 -18.29
C GLN A 315 7.91 13.02 -17.93
N SER A 316 7.17 13.79 -17.11
CA SER A 316 5.78 13.45 -16.80
C SER A 316 4.93 14.70 -17.05
N PHE A 317 3.61 14.56 -16.95
CA PHE A 317 2.72 15.70 -16.98
C PHE A 317 1.62 15.40 -15.97
N ARG A 318 0.79 16.39 -15.62
CA ARG A 318 -0.28 16.10 -14.66
C ARG A 318 -1.63 16.49 -15.22
N ILE A 319 -2.65 15.78 -14.77
CA ILE A 319 -4.05 16.11 -15.04
C ILE A 319 -4.65 16.45 -13.68
N THR A 320 -5.40 17.54 -13.60
CA THR A 320 -5.97 18.00 -12.33
C THR A 320 -7.47 18.11 -12.45
N ILE A 321 -8.19 17.47 -11.51
CA ILE A 321 -9.63 17.51 -11.50
C ILE A 321 -10.12 18.24 -10.28
N LEU A 322 -11.33 18.72 -10.36
CA LEU A 322 -11.96 19.48 -9.31
C LEU A 322 -13.00 18.64 -8.61
N PRO A 323 -13.50 19.10 -7.44
CA PRO A 323 -14.66 18.42 -6.83
C PRO A 323 -15.88 18.40 -7.78
N GLN A 324 -15.98 19.35 -8.74
CA GLN A 324 -17.10 19.29 -9.70
C GLN A 324 -17.03 18.04 -10.56
N GLN A 325 -15.84 17.37 -10.65
CA GLN A 325 -15.73 16.08 -11.33
C GLN A 325 -15.97 14.92 -10.36
N TYR A 326 -15.39 14.96 -9.14
CA TYR A 326 -15.49 13.77 -8.28
C TYR A 326 -16.67 13.77 -7.32
N LEU A 327 -17.52 14.82 -7.30
CA LEU A 327 -18.80 14.83 -6.58
C LEU A 327 -19.84 14.70 -7.70
N ARG A 328 -20.53 13.57 -7.73
CA ARG A 328 -21.50 13.26 -8.79
C ARG A 328 -22.89 13.78 -8.44
N PRO A 329 -23.47 14.68 -9.26
CA PRO A 329 -24.82 15.18 -8.92
C PRO A 329 -25.89 14.10 -8.96
N VAL A 330 -26.73 14.10 -7.92
CA VAL A 330 -27.84 13.14 -7.80
C VAL A 330 -29.09 13.88 -7.33
N GLU A 331 -30.27 13.37 -7.65
CA GLU A 331 -31.49 13.99 -7.14
C GLU A 331 -31.69 13.49 -5.70
N ASP A 332 -32.24 14.34 -4.85
CA ASP A 332 -32.49 14.09 -3.42
C ASP A 332 -33.40 12.88 -3.18
N SER A 336 -36.86 17.99 -3.52
CA SER A 336 -36.42 19.24 -2.92
C SER A 336 -35.68 20.11 -3.95
N GLN A 337 -35.30 21.33 -3.55
CA GLN A 337 -34.54 22.23 -4.40
C GLN A 337 -33.07 22.22 -3.99
N ASP A 338 -32.67 21.30 -3.09
CA ASP A 338 -31.27 21.25 -2.71
C ASP A 338 -30.40 20.72 -3.84
N ASP A 339 -29.11 21.05 -3.78
CA ASP A 339 -28.10 20.51 -4.69
C ASP A 339 -27.40 19.36 -3.94
N CYS A 340 -27.54 18.15 -4.46
CA CYS A 340 -27.07 16.91 -3.82
C CYS A 340 -26.06 16.17 -4.66
N TYR A 341 -25.16 15.46 -3.96
CA TYR A 341 -24.08 14.74 -4.61
C TYR A 341 -23.70 13.47 -3.89
N LYS A 342 -23.10 12.53 -4.64
CA LYS A 342 -22.45 11.36 -4.09
C LYS A 342 -20.94 11.49 -4.34
N PHE A 343 -20.13 10.97 -3.41
CA PHE A 343 -18.67 10.98 -3.58
C PHE A 343 -18.34 9.86 -4.58
N ALA A 344 -17.68 10.23 -5.68
CA ALA A 344 -17.42 9.32 -6.79
C ALA A 344 -15.99 8.88 -6.89
N ILE A 345 -15.37 8.68 -5.73
CA ILE A 345 -14.05 8.07 -5.63
C ILE A 345 -14.26 6.86 -4.74
N SER A 346 -13.79 5.69 -5.21
CA SER A 346 -14.02 4.47 -4.43
C SER A 346 -12.88 3.50 -4.53
N GLN A 347 -12.89 2.53 -3.63
CA GLN A 347 -11.81 1.56 -3.54
C GLN A 347 -11.91 0.48 -4.62
N SER A 348 -10.76 -0.07 -4.97
CA SER A 348 -10.63 -1.14 -5.95
C SER A 348 -9.64 -2.21 -5.45
N SER A 349 -9.87 -3.47 -5.84
CA SER A 349 -8.94 -4.56 -5.58
C SER A 349 -8.32 -4.99 -6.92
N THR A 350 -8.64 -4.29 -8.02
CA THR A 350 -8.18 -4.60 -9.38
C THR A 350 -7.44 -3.43 -10.05
N GLY A 351 -6.86 -2.54 -9.24
CA GLY A 351 -6.08 -1.44 -9.79
C GLY A 351 -6.82 -0.12 -9.90
N THR A 352 -6.11 0.91 -10.37
CA THR A 352 -6.75 2.21 -10.56
C THR A 352 -7.63 2.15 -11.80
N VAL A 353 -8.81 2.77 -11.71
CA VAL A 353 -9.68 2.90 -12.88
C VAL A 353 -10.01 4.38 -13.03
N MET A 354 -9.58 4.97 -14.15
CA MET A 354 -9.92 6.36 -14.45
C MET A 354 -11.27 6.30 -15.23
N GLY A 355 -12.37 6.36 -14.49
CA GLY A 355 -13.72 6.23 -15.02
C GLY A 355 -14.25 7.56 -15.46
N ALA A 356 -15.56 7.61 -15.64
CA ALA A 356 -16.22 8.81 -16.10
C ALA A 356 -15.90 10.05 -15.25
N VAL A 357 -15.53 9.91 -13.92
CA VAL A 357 -15.05 11.06 -13.06
C VAL A 357 -13.89 11.79 -13.70
N ILE A 358 -12.88 11.05 -14.09
CA ILE A 358 -11.71 11.61 -14.72
C ILE A 358 -12.11 12.07 -16.08
N MET A 359 -12.77 11.17 -16.84
CA MET A 359 -12.99 11.49 -18.25
C MET A 359 -13.86 12.70 -18.49
N GLU A 360 -14.81 13.05 -17.60
CA GLU A 360 -15.61 14.26 -17.78
C GLU A 360 -14.78 15.56 -17.70
N GLY A 361 -13.61 15.51 -17.08
CA GLY A 361 -12.77 16.72 -17.03
C GLY A 361 -11.96 16.94 -18.29
N PHE A 362 -11.81 15.88 -19.12
CA PHE A 362 -10.85 15.94 -20.22
C PHE A 362 -11.35 15.43 -21.52
N TYR A 363 -10.74 15.91 -22.57
CA TYR A 363 -10.91 15.32 -23.89
C TYR A 363 -9.80 14.24 -23.93
N VAL A 364 -10.17 12.98 -24.19
CA VAL A 364 -9.23 11.87 -24.15
C VAL A 364 -9.06 11.26 -25.53
N VAL A 365 -7.82 11.22 -26.00
CA VAL A 365 -7.49 10.70 -27.34
C VAL A 365 -6.88 9.33 -27.20
N PHE A 366 -7.55 8.31 -27.76
CA PHE A 366 -7.08 6.92 -27.71
C PHE A 366 -6.32 6.68 -29.02
N ASP A 367 -5.04 7.07 -29.03
CA ASP A 367 -4.20 7.02 -30.21
C ASP A 367 -3.56 5.64 -30.32
N ARG A 368 -4.37 4.70 -30.83
CA ARG A 368 -3.92 3.33 -30.95
C ARG A 368 -2.75 3.21 -31.93
N ALA A 369 -2.76 3.99 -33.01
CA ALA A 369 -1.71 3.94 -34.03
C ALA A 369 -0.32 4.23 -33.45
N ARG A 370 -0.26 5.17 -32.47
CA ARG A 370 1.00 5.61 -31.86
C ARG A 370 1.12 5.10 -30.41
N LYS A 371 0.25 4.14 -30.00
CA LYS A 371 0.30 3.47 -28.69
C LYS A 371 0.40 4.53 -27.54
N ARG A 372 -0.54 5.49 -27.56
CA ARG A 372 -0.51 6.55 -26.56
C ARG A 372 -1.90 7.08 -26.29
N ILE A 373 -2.11 7.67 -25.10
CA ILE A 373 -3.39 8.27 -24.75
C ILE A 373 -3.14 9.74 -24.48
N GLY A 374 -3.90 10.61 -25.11
CA GLY A 374 -3.78 12.05 -24.91
C GLY A 374 -4.85 12.61 -24.03
N PHE A 375 -4.48 13.64 -23.26
CA PHE A 375 -5.42 14.35 -22.39
C PHE A 375 -5.29 15.84 -22.63
N ALA A 376 -6.42 16.50 -22.68
CA ALA A 376 -6.50 17.95 -22.74
C ALA A 376 -7.71 18.38 -21.93
N VAL A 377 -7.70 19.62 -21.42
CA VAL A 377 -8.87 20.11 -20.68
C VAL A 377 -10.11 20.10 -21.57
N SER A 378 -11.19 19.51 -21.09
CA SER A 378 -12.41 19.48 -21.90
C SER A 378 -13.07 20.83 -21.98
N ALA A 379 -13.58 21.17 -23.18
CA ALA A 379 -14.35 22.38 -23.37
C ALA A 379 -15.71 22.30 -22.63
N CYS A 380 -16.14 21.09 -22.19
CA CYS A 380 -17.42 20.95 -21.47
C CYS A 380 -17.24 20.59 -19.97
N HIS A 381 -16.04 20.74 -19.42
CA HIS A 381 -15.93 20.37 -18.00
C HIS A 381 -16.63 21.37 -17.11
N VAL A 382 -17.16 20.87 -16.00
CA VAL A 382 -17.85 21.71 -15.03
C VAL A 382 -16.81 22.34 -14.11
N HIS A 383 -16.95 23.64 -13.86
CA HIS A 383 -15.99 24.33 -12.97
C HIS A 383 -16.70 25.51 -12.34
N ASP A 384 -15.94 26.32 -11.61
CA ASP A 384 -16.49 27.53 -11.02
C ASP A 384 -15.64 28.72 -11.48
N GLU A 385 -15.92 29.93 -10.92
CA GLU A 385 -15.15 31.08 -11.38
C GLU A 385 -13.72 31.13 -10.84
N PHE A 386 -13.41 30.28 -9.86
CA PHE A 386 -12.09 30.36 -9.25
C PHE A 386 -11.09 29.30 -9.63
N ARG A 387 -11.57 28.13 -10.06
CA ARG A 387 -10.67 27.02 -10.40
C ARG A 387 -11.19 26.33 -11.66
N THR A 388 -10.26 25.74 -12.40
CA THR A 388 -10.58 24.95 -13.59
C THR A 388 -9.76 23.66 -13.56
N ALA A 389 -10.25 22.67 -14.30
CA ALA A 389 -9.42 21.47 -14.50
C ALA A 389 -8.20 21.90 -15.33
N ALA A 390 -7.16 21.07 -15.29
CA ALA A 390 -5.91 21.43 -15.96
C ALA A 390 -5.17 20.23 -16.46
N VAL A 391 -4.35 20.43 -17.50
CA VAL A 391 -3.40 19.44 -18.04
C VAL A 391 -2.12 20.25 -18.25
N GLU A 392 -1.09 19.91 -17.48
CA GLU A 392 0.13 20.74 -17.46
C GLU A 392 1.38 19.91 -17.49
N GLY A 393 2.44 20.49 -18.03
CA GLY A 393 3.74 19.82 -18.02
C GLY A 393 4.78 20.69 -18.72
N PRO A 394 6.00 20.17 -18.85
CA PRO A 394 6.48 18.90 -18.32
C PRO A 394 7.07 19.03 -16.92
N PHE A 395 7.24 17.88 -16.26
CA PHE A 395 7.90 17.77 -14.96
C PHE A 395 8.99 16.75 -15.09
N VAL A 396 10.11 16.98 -14.40
CA VAL A 396 11.16 15.98 -14.40
C VAL A 396 10.77 14.89 -13.38
N THR A 397 10.67 13.64 -13.86
CA THR A 397 10.33 12.49 -12.99
C THR A 397 11.27 11.36 -13.34
N LEU A 398 11.98 10.84 -12.33
CA LEU A 398 12.93 9.75 -12.57
C LEU A 398 12.35 8.37 -12.27
N ASP A 399 12.98 7.32 -12.85
CA ASP A 399 12.65 5.90 -12.66
C ASP A 399 11.15 5.59 -12.80
N MET A 400 10.51 6.14 -13.82
CA MET A 400 9.07 5.95 -14.02
C MET A 400 8.67 4.51 -14.38
N GLU A 401 9.60 3.73 -14.99
CA GLU A 401 9.32 2.32 -15.33
C GLU A 401 9.08 1.51 -14.04
N ASP A 402 9.76 1.92 -12.92
CA ASP A 402 9.61 1.30 -11.60
C ASP A 402 8.21 1.49 -11.04
N CYS A 403 7.41 2.42 -11.61
CA CYS A 403 6.04 2.64 -11.12
C CYS A 403 5.08 1.57 -11.62
N GLY A 404 5.43 0.89 -12.70
CA GLY A 404 4.60 -0.17 -13.25
C GLY A 404 4.70 -1.43 -12.44
N TYR A 405 3.56 -2.10 -12.25
CA TYR A 405 3.52 -3.34 -11.47
C TYR A 405 3.70 -4.54 -12.38
N ASN A 406 4.46 -5.56 -11.90
CA ASN A 406 4.68 -6.84 -12.58
C ASN A 406 4.29 -7.98 -11.63
N ILE A 407 3.64 -9.03 -12.16
CA ILE A 407 3.20 -10.28 -11.50
C ILE A 407 1.96 -10.06 -10.65
N ARG B 17 13.92 -14.47 43.29
CA ARG B 17 13.75 -15.45 42.21
C ARG B 17 14.80 -15.22 41.11
N GLY B 18 15.45 -16.32 40.73
CA GLY B 18 16.45 -16.33 39.65
C GLY B 18 16.13 -17.38 38.61
N SER B 19 14.94 -18.00 38.70
CA SER B 19 14.44 -19.04 37.82
C SER B 19 12.96 -18.76 37.55
N PHE B 20 12.59 -18.67 36.26
CA PHE B 20 11.23 -18.33 35.82
C PHE B 20 10.85 -19.32 34.74
N VAL B 21 10.74 -20.60 35.12
CA VAL B 21 10.46 -21.71 34.20
C VAL B 21 9.21 -21.48 33.35
N GLU B 22 8.15 -20.89 33.94
CA GLU B 22 6.87 -20.61 33.26
C GLU B 22 7.07 -19.65 32.07
N MET B 23 8.14 -18.84 32.09
CA MET B 23 8.40 -17.86 31.02
C MET B 23 9.53 -18.21 30.09
N VAL B 24 10.43 -19.12 30.50
CA VAL B 24 11.53 -19.49 29.61
C VAL B 24 10.94 -20.15 28.35
N ASP B 25 11.49 -19.77 27.17
CA ASP B 25 11.13 -20.31 25.88
C ASP B 25 9.71 -19.91 25.44
N ASN B 26 9.28 -18.70 25.84
CA ASN B 26 7.93 -18.23 25.47
C ASN B 26 7.91 -17.38 24.20
N LEU B 27 9.08 -17.18 23.55
CA LEU B 27 9.08 -16.43 22.29
C LEU B 27 9.27 -17.35 21.09
N ARG B 28 8.80 -16.88 19.93
CA ARG B 28 9.02 -17.52 18.65
C ARG B 28 9.35 -16.45 17.65
N GLY B 29 9.89 -16.85 16.50
CA GLY B 29 10.23 -15.90 15.45
C GLY B 29 11.70 -15.89 15.12
N LYS B 30 12.10 -14.85 14.42
CA LYS B 30 13.47 -14.69 13.93
C LYS B 30 13.73 -13.23 13.66
N SER B 31 15.01 -12.83 13.49
CA SER B 31 15.34 -11.40 13.37
C SER B 31 14.70 -10.65 12.20
N GLY B 32 14.55 -11.33 11.07
CA GLY B 32 13.99 -10.70 9.87
C GLY B 32 12.49 -10.46 9.90
N GLN B 33 11.75 -11.25 10.70
CA GLN B 33 10.28 -11.15 10.75
C GLN B 33 9.75 -10.77 12.13
N GLY B 34 10.63 -10.68 13.11
CA GLY B 34 10.31 -10.31 14.47
C GLY B 34 10.11 -11.48 15.41
N TYR B 35 10.27 -11.20 16.71
CA TYR B 35 10.07 -12.19 17.78
C TYR B 35 8.77 -11.85 18.47
N TYR B 36 7.96 -12.87 18.72
CA TYR B 36 6.63 -12.62 19.27
C TYR B 36 6.30 -13.52 20.44
N VAL B 37 5.33 -13.05 21.25
CA VAL B 37 4.85 -13.75 22.45
C VAL B 37 3.33 -13.92 22.31
N GLU B 38 2.81 -15.02 22.88
CA GLU B 38 1.36 -15.21 22.84
C GLU B 38 0.71 -14.31 23.90
N MET B 39 -0.42 -13.68 23.52
CA MET B 39 -1.21 -12.92 24.50
C MET B 39 -2.67 -13.25 24.31
N THR B 40 -3.51 -12.90 25.29
CA THR B 40 -4.95 -13.05 25.05
C THR B 40 -5.58 -11.71 25.33
N VAL B 41 -6.62 -11.38 24.56
CA VAL B 41 -7.35 -10.13 24.73
C VAL B 41 -8.85 -10.45 24.79
N GLY B 42 -9.56 -9.75 25.66
CA GLY B 42 -11.01 -9.88 25.70
C GLY B 42 -11.56 -11.00 26.57
N SER B 43 -12.92 -11.03 26.63
CA SER B 43 -13.67 -12.02 27.39
C SER B 43 -14.82 -12.54 26.50
N PRO B 44 -14.80 -13.82 26.11
CA PRO B 44 -13.80 -14.85 26.43
C PRO B 44 -12.47 -14.53 25.75
N PRO B 45 -11.36 -15.08 26.23
CA PRO B 45 -10.05 -14.68 25.68
C PRO B 45 -9.84 -15.04 24.23
N GLN B 46 -9.31 -14.06 23.47
CA GLN B 46 -8.97 -14.24 22.06
C GLN B 46 -7.45 -14.29 22.03
N THR B 47 -6.91 -15.44 21.60
CA THR B 47 -5.46 -15.62 21.53
C THR B 47 -4.90 -14.92 20.29
N LEU B 48 -3.79 -14.17 20.49
CA LEU B 48 -3.09 -13.52 19.36
C LEU B 48 -1.59 -13.60 19.65
N ASN B 49 -0.80 -13.64 18.60
CA ASN B 49 0.66 -13.59 18.69
C ASN B 49 1.07 -12.15 18.49
N ILE B 50 1.95 -11.66 19.38
CA ILE B 50 2.26 -10.24 19.44
C ILE B 50 3.76 -9.98 19.36
N LEU B 51 4.15 -9.15 18.38
CA LEU B 51 5.57 -8.76 18.21
C LEU B 51 6.06 -8.02 19.46
N VAL B 52 7.24 -8.40 20.02
CA VAL B 52 7.84 -7.71 21.15
C VAL B 52 8.69 -6.58 20.60
N ASP B 53 8.28 -5.32 20.87
CA ASP B 53 8.96 -4.16 20.31
C ASP B 53 9.45 -3.18 21.39
N THR B 54 10.76 -3.21 21.70
CA THR B 54 11.27 -2.23 22.67
C THR B 54 11.48 -0.83 22.05
N GLY B 55 11.17 -0.67 20.75
CA GLY B 55 11.30 0.58 20.01
C GLY B 55 10.01 1.38 19.86
N SER B 56 8.93 0.98 20.54
CA SER B 56 7.66 1.75 20.49
C SER B 56 6.92 1.52 21.80
N SER B 57 5.78 2.20 21.97
CA SER B 57 5.10 2.16 23.27
C SER B 57 3.60 1.95 23.21
N ASN B 58 3.07 1.49 22.09
CA ASN B 58 1.65 1.18 21.98
C ASN B 58 1.42 -0.33 21.89
N PHE B 59 0.27 -0.77 22.46
CA PHE B 59 -0.20 -2.13 22.28
C PHE B 59 -1.28 -2.05 21.19
N ALA B 60 -1.00 -2.63 20.03
CA ALA B 60 -1.89 -2.51 18.89
C ALA B 60 -2.06 -3.80 18.22
N VAL B 61 -3.31 -4.14 17.86
CA VAL B 61 -3.57 -5.45 17.29
C VAL B 61 -4.45 -5.34 16.04
N GLY B 62 -4.23 -6.23 15.08
CA GLY B 62 -5.12 -6.32 13.92
C GLY B 62 -6.53 -6.55 14.40
N ALA B 63 -7.46 -5.76 13.88
CA ALA B 63 -8.88 -5.82 14.32
C ALA B 63 -9.84 -5.83 13.15
N ALA B 64 -9.32 -6.17 11.97
CA ALA B 64 -10.12 -6.23 10.75
C ALA B 64 -9.37 -7.17 9.80
N PRO B 65 -10.07 -7.82 8.86
CA PRO B 65 -9.37 -8.75 7.96
C PRO B 65 -8.26 -8.08 7.16
N HIS B 66 -7.18 -8.83 6.96
CA HIS B 66 -6.01 -8.40 6.20
C HIS B 66 -5.50 -9.66 5.50
N PRO B 67 -5.01 -9.55 4.24
CA PRO B 67 -4.51 -10.76 3.55
C PRO B 67 -3.46 -11.58 4.32
N PHE B 68 -2.66 -10.94 5.19
CA PHE B 68 -1.59 -11.62 5.91
C PHE B 68 -2.00 -12.12 7.30
N LEU B 69 -3.26 -11.91 7.70
CA LEU B 69 -3.73 -12.31 9.04
C LEU B 69 -4.71 -13.46 8.91
N HIS B 70 -4.59 -14.49 9.75
CA HIS B 70 -5.59 -15.56 9.79
C HIS B 70 -6.46 -15.46 11.05
N ARG B 71 -6.14 -14.48 11.91
CA ARG B 71 -6.95 -14.13 13.06
C ARG B 71 -6.75 -12.66 13.41
N TYR B 72 -7.74 -12.10 14.11
CA TYR B 72 -7.70 -10.70 14.51
C TYR B 72 -8.63 -10.51 15.67
N TYR B 73 -8.46 -9.37 16.35
CA TYR B 73 -9.26 -9.03 17.53
C TYR B 73 -10.64 -8.60 17.08
N GLN B 74 -11.64 -9.28 17.65
CA GLN B 74 -13.06 -9.02 17.33
C GLN B 74 -13.71 -8.40 18.57
N ARG B 75 -13.74 -7.07 18.60
CA ARG B 75 -14.22 -6.28 19.72
C ARG B 75 -15.67 -6.60 20.07
N GLN B 76 -16.50 -6.85 19.03
CA GLN B 76 -17.92 -7.16 19.27
C GLN B 76 -18.14 -8.47 20.01
N LEU B 77 -17.10 -9.35 20.06
CA LEU B 77 -17.19 -10.63 20.74
C LEU B 77 -16.63 -10.59 22.15
N SER B 78 -16.13 -9.43 22.60
CA SER B 78 -15.59 -9.31 23.93
C SER B 78 -16.52 -8.53 24.84
N SER B 79 -16.98 -9.15 25.93
CA SER B 79 -17.90 -8.51 26.86
C SER B 79 -17.24 -7.43 27.69
N THR B 80 -15.88 -7.45 27.76
CA THR B 80 -15.10 -6.52 28.56
C THR B 80 -14.47 -5.41 27.71
N TYR B 81 -14.77 -5.39 26.42
CA TYR B 81 -14.31 -4.31 25.55
C TYR B 81 -14.94 -2.97 25.98
N ARG B 82 -14.12 -1.92 26.00
CA ARG B 82 -14.57 -0.55 26.32
C ARG B 82 -14.05 0.37 25.20
N ASP B 83 -14.95 1.09 24.53
CA ASP B 83 -14.59 1.97 23.44
C ASP B 83 -14.18 3.34 23.97
N LEU B 84 -12.97 3.80 23.62
CA LEU B 84 -12.47 5.09 24.04
C LEU B 84 -12.94 6.20 23.08
N ARG B 85 -13.64 5.85 21.97
CA ARG B 85 -14.21 6.81 21.00
C ARG B 85 -13.15 7.74 20.43
N LYS B 86 -11.99 7.19 20.11
CA LYS B 86 -10.90 8.02 19.61
C LYS B 86 -10.05 7.21 18.65
N GLY B 87 -9.66 7.86 17.57
CA GLY B 87 -8.80 7.27 16.56
C GLY B 87 -7.33 7.50 16.90
N VAL B 88 -6.48 6.71 16.25
CA VAL B 88 -5.04 6.86 16.39
C VAL B 88 -4.42 6.53 15.03
N TYR B 89 -3.63 7.46 14.48
CA TYR B 89 -2.99 7.27 13.18
C TYR B 89 -1.49 7.32 13.39
N VAL B 90 -0.80 6.24 12.99
CA VAL B 90 0.63 6.13 13.21
C VAL B 90 1.43 5.92 11.92
N PRO B 91 1.76 7.01 11.21
CA PRO B 91 2.65 6.88 10.05
C PRO B 91 4.11 6.87 10.56
N TYR B 92 4.91 5.93 10.09
CA TYR B 92 6.31 5.88 10.51
C TYR B 92 7.18 5.73 9.25
N THR B 93 8.51 5.62 9.38
CA THR B 93 9.34 5.64 8.17
C THR B 93 9.01 4.52 7.18
N GLN B 94 8.98 3.28 7.64
CA GLN B 94 8.78 2.16 6.72
C GLN B 94 7.33 1.71 6.50
N GLY B 95 6.35 2.37 7.13
CA GLY B 95 4.98 1.89 7.03
C GLY B 95 4.02 2.72 7.85
N LYS B 96 2.78 2.23 8.02
CA LYS B 96 1.75 2.98 8.77
C LYS B 96 0.74 2.03 9.33
N TRP B 97 0.07 2.48 10.40
CA TRP B 97 -1.13 1.80 10.85
C TRP B 97 -2.09 2.81 11.39
N GLU B 98 -3.37 2.47 11.32
CA GLU B 98 -4.43 3.35 11.82
C GLU B 98 -5.37 2.49 12.60
N GLY B 99 -5.83 3.01 13.73
CA GLY B 99 -6.70 2.23 14.59
C GLY B 99 -7.66 3.03 15.42
N GLU B 100 -8.44 2.30 16.18
CA GLU B 100 -9.45 2.83 17.08
C GLU B 100 -9.08 2.41 18.49
N LEU B 101 -9.03 3.36 19.41
CA LEU B 101 -8.63 3.10 20.79
C LEU B 101 -9.74 2.55 21.64
N GLY B 102 -9.37 1.62 22.52
CA GLY B 102 -10.27 1.05 23.48
C GLY B 102 -9.46 0.41 24.59
N THR B 103 -10.15 -0.21 25.56
CA THR B 103 -9.45 -0.96 26.60
C THR B 103 -10.09 -2.35 26.69
N ASP B 104 -9.36 -3.31 27.22
CA ASP B 104 -9.88 -4.67 27.44
C ASP B 104 -9.00 -5.37 28.43
N LEU B 105 -9.40 -6.57 28.85
CA LEU B 105 -8.62 -7.40 29.77
C LEU B 105 -7.64 -8.19 28.92
N VAL B 106 -6.36 -8.17 29.36
CA VAL B 106 -5.25 -8.76 28.60
C VAL B 106 -4.45 -9.65 29.53
N SER B 107 -4.02 -10.80 29.01
CA SER B 107 -3.19 -11.76 29.76
C SER B 107 -2.07 -12.24 28.84
N ILE B 108 -1.01 -12.78 29.48
CA ILE B 108 0.12 -13.39 28.77
C ILE B 108 0.16 -14.84 29.28
N PRO B 109 -0.34 -15.82 28.49
CA PRO B 109 -0.41 -17.22 28.98
C PRO B 109 0.91 -17.77 29.53
N HIS B 110 2.03 -17.44 28.87
CA HIS B 110 3.34 -17.88 29.35
C HIS B 110 4.05 -16.67 29.94
N GLY B 111 3.37 -16.01 30.87
CA GLY B 111 3.87 -14.83 31.55
C GLY B 111 3.46 -14.88 33.00
N PRO B 112 3.37 -13.71 33.67
CA PRO B 112 2.90 -13.72 35.08
C PRO B 112 1.42 -14.12 35.14
N ASN B 113 1.02 -14.74 36.24
CA ASN B 113 -0.34 -15.22 36.43
C ASN B 113 -1.25 -14.04 36.83
N VAL B 114 -1.40 -13.07 35.90
CA VAL B 114 -2.18 -11.84 36.14
C VAL B 114 -2.99 -11.47 34.90
N THR B 115 -4.05 -10.67 35.10
CA THR B 115 -4.86 -10.14 34.01
C THR B 115 -4.90 -8.66 34.25
N VAL B 116 -4.65 -7.85 33.19
CA VAL B 116 -4.52 -6.39 33.24
C VAL B 116 -5.63 -5.75 32.42
N ARG B 117 -6.16 -4.60 32.85
CA ARG B 117 -7.03 -3.80 31.99
C ARG B 117 -6.04 -2.86 31.28
N ALA B 118 -5.91 -3.01 29.96
CA ALA B 118 -4.92 -2.24 29.21
C ALA B 118 -5.51 -1.55 28.01
N ASN B 119 -4.85 -0.47 27.57
CA ASN B 119 -5.20 0.19 26.33
C ASN B 119 -4.88 -0.73 25.15
N ILE B 120 -5.74 -0.73 24.14
CA ILE B 120 -5.51 -1.49 22.92
C ILE B 120 -5.90 -0.64 21.74
N ALA B 121 -4.98 -0.51 20.78
CA ALA B 121 -5.34 0.15 19.53
C ALA B 121 -5.77 -0.95 18.56
N ALA B 122 -7.02 -0.89 18.13
CA ALA B 122 -7.57 -1.88 17.22
C ALA B 122 -7.29 -1.42 15.79
N ILE B 123 -6.32 -2.06 15.12
CA ILE B 123 -5.88 -1.65 13.79
C ILE B 123 -6.89 -1.99 12.71
N THR B 124 -7.37 -0.96 11.99
CA THR B 124 -8.36 -1.14 10.93
C THR B 124 -7.81 -0.95 9.52
N GLU B 125 -6.68 -0.24 9.40
CA GLU B 125 -6.01 0.07 8.13
C GLU B 125 -4.51 0.04 8.39
N SER B 126 -3.74 -0.47 7.41
CA SER B 126 -2.30 -0.50 7.59
C SER B 126 -1.56 -0.57 6.26
N ASP B 127 -0.27 -0.21 6.30
CA ASP B 127 0.55 -0.17 5.08
C ASP B 127 1.93 -0.69 5.47
N LYS B 128 2.30 -1.89 4.95
CA LYS B 128 3.60 -2.53 5.20
C LYS B 128 3.88 -2.74 6.68
N PHE B 129 2.81 -2.95 7.46
CA PHE B 129 2.96 -3.21 8.90
C PHE B 129 2.97 -4.71 9.12
N PHE B 130 1.90 -5.42 8.70
CA PHE B 130 1.85 -6.87 8.83
C PHE B 130 2.83 -7.48 7.83
N ILE B 131 3.44 -8.60 8.23
CA ILE B 131 4.45 -9.31 7.44
C ILE B 131 3.87 -10.65 7.04
N ASN B 132 3.90 -10.96 5.74
CA ASN B 132 3.42 -12.25 5.23
C ASN B 132 4.28 -13.41 5.81
N GLY B 133 3.60 -14.28 6.55
CA GLY B 133 4.18 -15.46 7.18
C GLY B 133 4.91 -15.25 8.49
N SER B 134 4.78 -14.05 9.11
CA SER B 134 5.47 -13.75 10.38
C SER B 134 4.83 -14.45 11.58
N ASN B 135 3.55 -14.83 11.46
CA ASN B 135 2.75 -15.49 12.48
C ASN B 135 2.33 -14.55 13.62
N TRP B 136 2.52 -13.23 13.49
CA TRP B 136 2.03 -12.33 14.53
C TRP B 136 0.95 -11.41 14.00
N GLU B 137 0.07 -10.98 14.91
CA GLU B 137 -1.13 -10.20 14.59
C GLU B 137 -1.22 -8.85 15.28
N GLY B 138 -0.18 -8.50 16.05
CA GLY B 138 -0.18 -7.21 16.74
C GLY B 138 1.22 -6.93 17.25
N ILE B 139 1.36 -5.81 17.95
CA ILE B 139 2.64 -5.32 18.46
C ILE B 139 2.52 -4.89 19.89
N LEU B 140 3.54 -5.23 20.70
CA LEU B 140 3.59 -4.84 22.09
C LEU B 140 4.76 -3.87 22.24
N GLY B 141 4.42 -2.59 22.29
CA GLY B 141 5.42 -1.55 22.50
C GLY B 141 5.81 -1.48 23.96
N LEU B 142 7.07 -1.80 24.26
CA LEU B 142 7.56 -1.87 25.62
C LEU B 142 8.33 -0.65 26.10
N ALA B 143 8.44 0.41 25.26
CA ALA B 143 9.16 1.61 25.65
C ALA B 143 8.24 2.52 26.48
N TYR B 144 8.66 3.77 26.73
CA TYR B 144 7.97 4.65 27.68
C TYR B 144 6.86 5.49 27.08
N ALA B 145 6.00 6.02 27.98
CA ALA B 145 4.85 6.80 27.56
C ALA B 145 5.15 8.02 26.70
N GLU B 146 6.35 8.63 26.85
CA GLU B 146 6.69 9.78 26.04
C GLU B 146 6.44 9.63 24.55
N ILE B 147 6.71 8.40 24.02
CA ILE B 147 6.57 8.16 22.58
C ILE B 147 5.27 7.38 22.20
N ALA B 148 4.34 7.22 23.19
CA ALA B 148 3.05 6.61 22.91
C ALA B 148 2.20 7.53 22.04
N ARG B 149 1.33 6.93 21.21
CA ARG B 149 0.43 7.68 20.34
C ARG B 149 -0.99 7.47 20.81
N PRO B 150 -1.87 8.48 20.73
CA PRO B 150 -1.67 9.82 20.13
C PRO B 150 -0.76 10.72 20.94
N ASP B 151 -0.66 10.46 22.23
CA ASP B 151 0.19 11.23 23.15
C ASP B 151 0.53 10.44 24.39
N ASP B 152 1.35 11.04 25.27
CA ASP B 152 1.86 10.39 26.47
C ASP B 152 0.79 10.09 27.55
N SER B 153 -0.48 10.49 27.32
CA SER B 153 -1.53 10.17 28.27
C SER B 153 -2.03 8.73 28.07
N LEU B 154 -1.67 8.09 26.93
CA LEU B 154 -2.13 6.72 26.65
C LEU B 154 -1.17 5.76 27.28
N GLU B 155 -1.52 5.29 28.48
CA GLU B 155 -0.63 4.45 29.27
C GLU B 155 -0.19 3.19 28.51
N PRO B 156 1.14 2.98 28.38
CA PRO B 156 1.62 1.74 27.72
C PRO B 156 1.30 0.49 28.54
N PHE B 157 1.30 -0.66 27.88
CA PHE B 157 0.96 -1.92 28.51
C PHE B 157 1.77 -2.21 29.76
N PHE B 158 3.12 -2.10 29.67
CA PHE B 158 3.95 -2.46 30.82
C PHE B 158 3.71 -1.57 32.01
N ASP B 159 3.40 -0.29 31.76
CA ASP B 159 3.08 0.66 32.84
C ASP B 159 1.77 0.18 33.54
N SER B 160 0.76 -0.26 32.75
CA SER B 160 -0.50 -0.78 33.32
C SER B 160 -0.23 -2.03 34.13
N LEU B 161 0.57 -2.95 33.57
CA LEU B 161 0.90 -4.18 34.25
C LEU B 161 1.53 -3.90 35.62
N VAL B 162 2.52 -3.00 35.70
CA VAL B 162 3.19 -2.71 36.96
C VAL B 162 2.24 -2.01 37.93
N LYS B 163 1.42 -1.07 37.45
CA LYS B 163 0.47 -0.32 38.30
C LYS B 163 -0.60 -1.24 38.90
N GLN B 164 -1.11 -2.19 38.12
CA GLN B 164 -2.22 -3.03 38.58
C GLN B 164 -1.85 -4.31 39.32
N THR B 165 -0.57 -4.72 39.26
CA THR B 165 -0.14 -5.99 39.86
C THR B 165 1.09 -5.80 40.73
N HIS B 166 1.64 -6.89 41.30
CA HIS B 166 2.89 -6.78 42.07
C HIS B 166 4.09 -7.17 41.20
N VAL B 167 3.93 -7.20 39.86
CA VAL B 167 5.03 -7.55 38.97
C VAL B 167 6.13 -6.48 39.08
N PRO B 168 7.39 -6.89 39.36
CA PRO B 168 8.48 -5.89 39.43
C PRO B 168 8.66 -5.15 38.10
N ASN B 169 9.12 -3.89 38.18
CA ASN B 169 9.28 -2.99 37.04
C ASN B 169 10.56 -3.32 36.26
N LEU B 170 10.58 -4.47 35.63
CA LEU B 170 11.75 -4.95 34.90
C LEU B 170 11.33 -6.08 33.98
N PHE B 171 11.96 -6.20 32.81
CA PHE B 171 11.76 -7.38 31.99
C PHE B 171 13.09 -7.67 31.33
N SER B 172 13.27 -8.89 30.87
CA SER B 172 14.51 -9.23 30.21
C SER B 172 14.22 -10.03 28.97
N LEU B 173 15.09 -9.91 27.96
CA LEU B 173 14.89 -10.59 26.68
C LEU B 173 16.11 -11.38 26.26
N GLN B 174 15.86 -12.62 25.86
CA GLN B 174 16.87 -13.49 25.27
C GLN B 174 16.30 -13.84 23.88
N LEU B 175 16.79 -13.17 22.83
CA LEU B 175 16.35 -13.43 21.45
C LEU B 175 17.33 -14.43 20.86
N CYS B 176 16.82 -15.54 20.36
CA CYS B 176 17.69 -16.63 19.90
C CYS B 176 17.71 -16.79 18.42
N GLY B 177 18.84 -16.41 17.80
CA GLY B 177 19.05 -16.61 16.36
C GLY B 177 19.43 -18.06 16.17
N ALA B 178 18.86 -18.72 15.15
CA ALA B 178 19.16 -20.14 14.95
C ALA B 178 20.56 -20.36 14.39
N GLY B 179 21.07 -19.38 13.64
CA GLY B 179 22.36 -19.51 12.97
C GLY B 179 22.25 -20.11 11.58
N PHE B 180 21.03 -20.41 11.15
CA PHE B 180 20.73 -20.97 9.84
C PHE B 180 19.27 -20.63 9.53
N PRO B 181 18.84 -20.72 8.27
CA PRO B 181 17.47 -20.34 7.94
C PRO B 181 16.48 -21.37 8.47
N LEU B 182 15.33 -20.89 8.91
CA LEU B 182 14.27 -21.76 9.38
C LEU B 182 13.17 -21.68 8.34
N ASN B 183 12.67 -22.83 7.88
CA ASN B 183 11.59 -22.81 6.88
C ASN B 183 10.26 -22.50 7.58
N GLN B 184 9.17 -22.36 6.79
CA GLN B 184 7.83 -22.04 7.32
C GLN B 184 7.41 -22.95 8.49
N SER B 185 7.58 -24.29 8.35
CA SER B 185 7.22 -25.19 9.43
C SER B 185 8.18 -25.15 10.62
N GLU B 186 9.49 -25.06 10.34
CA GLU B 186 10.50 -25.03 11.39
C GLU B 186 10.36 -23.80 12.30
N VAL B 187 10.09 -22.62 11.71
CA VAL B 187 9.99 -21.39 12.49
C VAL B 187 8.73 -21.43 13.38
N LEU B 188 7.71 -22.20 12.99
CA LEU B 188 6.52 -22.31 13.84
C LEU B 188 6.78 -23.26 14.99
N ALA B 189 7.67 -24.23 14.79
CA ALA B 189 7.96 -25.25 15.80
C ALA B 189 9.13 -24.92 16.71
N SER B 190 10.01 -23.99 16.32
CA SER B 190 11.22 -23.65 17.04
C SER B 190 11.01 -22.65 18.17
N VAL B 191 11.84 -22.74 19.20
CA VAL B 191 11.85 -21.77 20.31
C VAL B 191 12.72 -20.60 19.86
N GLY B 192 12.15 -19.40 19.89
CA GLY B 192 12.86 -18.21 19.45
C GLY B 192 13.48 -17.42 20.59
N GLY B 193 13.25 -17.83 21.81
CA GLY B 193 13.81 -17.10 22.94
C GLY B 193 12.90 -16.97 24.13
N SER B 194 13.22 -16.04 25.01
CA SER B 194 12.48 -15.82 26.26
C SER B 194 12.28 -14.37 26.54
N MET B 195 11.08 -14.03 27.04
CA MET B 195 10.81 -12.72 27.60
C MET B 195 10.43 -13.02 29.06
N ILE B 196 11.30 -12.64 29.99
CA ILE B 196 11.04 -12.84 31.42
C ILE B 196 10.46 -11.56 31.94
N ILE B 197 9.18 -11.59 32.30
CA ILE B 197 8.47 -10.43 32.80
C ILE B 197 8.60 -10.38 34.31
N GLY B 198 9.23 -9.31 34.80
CA GLY B 198 9.42 -9.08 36.23
C GLY B 198 10.65 -9.71 36.84
N GLY B 199 11.60 -10.17 36.02
CA GLY B 199 12.78 -10.79 36.58
C GLY B 199 13.87 -11.13 35.60
N ILE B 200 14.93 -11.75 36.14
CA ILE B 200 16.14 -12.18 35.45
C ILE B 200 16.27 -13.68 35.67
N ASP B 201 16.41 -14.45 34.59
CA ASP B 201 16.58 -15.89 34.70
C ASP B 201 18.05 -16.21 34.43
N HIS B 202 18.75 -16.72 35.45
CA HIS B 202 20.19 -16.99 35.37
C HIS B 202 20.57 -18.09 34.37
N SER B 203 19.64 -18.94 33.92
CA SER B 203 19.95 -19.98 32.93
C SER B 203 20.15 -19.41 31.52
N LEU B 204 19.74 -18.16 31.31
CA LEU B 204 19.76 -17.57 29.96
C LEU B 204 21.05 -16.88 29.57
N TYR B 205 22.00 -16.78 30.51
CA TYR B 205 23.26 -16.12 30.21
C TYR B 205 24.43 -16.80 30.90
N THR B 206 25.63 -16.40 30.46
CA THR B 206 26.89 -16.86 31.09
C THR B 206 27.67 -15.64 31.48
N GLY B 207 28.55 -15.80 32.47
CA GLY B 207 29.35 -14.68 32.93
C GLY B 207 28.55 -13.64 33.67
N SER B 208 29.07 -12.42 33.71
CA SER B 208 28.48 -11.32 34.46
C SER B 208 27.59 -10.43 33.63
N LEU B 209 26.59 -9.82 34.30
CA LEU B 209 25.76 -8.79 33.70
C LEU B 209 26.46 -7.46 33.94
N TRP B 210 26.56 -6.63 32.90
CA TRP B 210 27.12 -5.28 32.96
C TRP B 210 26.03 -4.31 32.59
N TYR B 211 25.89 -3.24 33.36
CA TYR B 211 24.81 -2.28 33.12
C TYR B 211 25.26 -0.94 32.60
N THR B 212 24.45 -0.40 31.67
CA THR B 212 24.62 0.91 31.11
C THR B 212 23.41 1.78 31.54
N PRO B 213 23.58 3.06 31.87
CA PRO B 213 22.40 3.84 32.27
C PRO B 213 21.43 4.05 31.11
N ILE B 214 20.11 4.11 31.43
CA ILE B 214 19.13 4.55 30.45
C ILE B 214 19.28 6.09 30.52
N ARG B 215 19.75 6.71 29.44
CA ARG B 215 20.03 8.15 29.43
C ARG B 215 18.80 8.97 29.74
N ARG B 216 17.69 8.60 29.11
CA ARG B 216 16.41 9.26 29.26
C ARG B 216 15.35 8.25 28.92
N GLU B 217 14.21 8.33 29.64
CA GLU B 217 13.11 7.38 29.48
C GLU B 217 12.11 7.79 28.41
N TRP B 218 12.37 7.36 27.16
CA TRP B 218 11.45 7.62 26.04
C TRP B 218 11.60 6.34 25.19
N TYR B 219 12.62 6.28 24.35
CA TYR B 219 13.12 5.02 23.82
C TYR B 219 14.02 4.47 24.96
N TYR B 220 14.57 3.24 24.78
CA TYR B 220 15.58 2.76 25.72
C TYR B 220 16.91 3.32 25.20
N GLU B 221 17.17 4.60 25.55
CA GLU B 221 18.33 5.33 25.04
C GLU B 221 19.58 5.06 25.87
N VAL B 222 20.71 4.79 25.16
CA VAL B 222 21.99 4.52 25.81
C VAL B 222 23.06 5.40 25.17
N ILE B 223 24.28 5.37 25.75
CA ILE B 223 25.40 6.12 25.16
C ILE B 223 26.57 5.17 24.84
N ILE B 224 26.97 5.17 23.56
CA ILE B 224 28.14 4.41 23.04
C ILE B 224 29.34 5.36 23.14
N VAL B 225 30.44 4.88 23.73
CA VAL B 225 31.62 5.75 23.95
C VAL B 225 32.83 5.39 23.09
N ARG B 226 32.82 4.22 22.45
CA ARG B 226 33.93 3.78 21.59
C ARG B 226 33.43 2.65 20.72
N VAL B 227 33.97 2.56 19.51
CA VAL B 227 33.64 1.46 18.60
C VAL B 227 34.96 0.91 18.06
N GLU B 228 35.09 -0.44 18.08
CA GLU B 228 36.25 -1.12 17.51
C GLU B 228 35.81 -2.15 16.50
N ILE B 229 36.64 -2.36 15.48
CA ILE B 229 36.47 -3.39 14.47
C ILE B 229 37.74 -4.27 14.58
N ASN B 230 37.63 -5.51 15.13
CA ASN B 230 38.84 -6.34 15.35
C ASN B 230 39.87 -5.61 16.20
N GLY B 231 39.37 -4.90 17.21
CA GLY B 231 40.25 -4.21 18.14
C GLY B 231 40.75 -2.86 17.65
N GLN B 232 40.50 -2.52 16.37
CA GLN B 232 40.97 -1.25 15.82
C GLN B 232 39.90 -0.20 16.09
N ASP B 233 40.29 0.88 16.76
CA ASP B 233 39.41 1.99 17.08
C ASP B 233 38.92 2.68 15.79
N LEU B 234 37.60 2.84 15.66
CA LEU B 234 37.02 3.57 14.52
C LEU B 234 37.45 5.04 14.56
N LYS B 235 37.87 5.53 15.74
CA LYS B 235 38.50 6.84 15.98
C LYS B 235 37.65 8.04 15.55
N MET B 236 36.35 7.93 15.69
CA MET B 236 35.48 9.07 15.38
C MET B 236 35.19 9.81 16.66
N ASP B 237 34.74 11.07 16.59
CA ASP B 237 34.29 11.81 17.79
C ASP B 237 33.09 10.98 18.31
N CYS B 238 33.08 10.62 19.61
CA CYS B 238 32.04 9.72 20.16
C CYS B 238 30.64 10.28 20.03
N LYS B 239 30.50 11.62 19.85
CA LYS B 239 29.18 12.17 19.62
C LYS B 239 28.57 11.63 18.31
N GLU B 240 29.42 11.27 17.31
CA GLU B 240 28.94 10.73 16.05
C GLU B 240 28.22 9.40 16.26
N TYR B 241 28.67 8.61 17.25
CA TYR B 241 28.07 7.29 17.47
C TYR B 241 26.67 7.40 18.03
N ASN B 242 26.33 8.54 18.63
CA ASN B 242 25.01 8.72 19.25
C ASN B 242 24.24 9.85 18.62
N TYR B 243 24.52 10.12 17.33
CA TYR B 243 23.85 11.21 16.63
C TYR B 243 22.66 10.63 15.83
N ASP B 244 21.39 10.94 16.17
CA ASP B 244 20.93 11.83 17.25
C ASP B 244 20.56 11.12 18.54
N LYS B 245 20.64 9.79 18.55
CA LYS B 245 20.42 8.99 19.74
C LYS B 245 20.97 7.60 19.45
N SER B 246 21.11 6.78 20.49
CA SER B 246 21.43 5.38 20.36
C SER B 246 20.39 4.64 21.18
N ILE B 247 19.71 3.62 20.57
CA ILE B 247 18.66 2.93 21.34
C ILE B 247 18.80 1.43 21.21
N VAL B 248 18.13 0.69 22.10
CA VAL B 248 18.08 -0.77 22.06
C VAL B 248 16.68 -1.10 21.57
N ASP B 249 16.55 -1.74 20.39
CA ASP B 249 15.26 -1.93 19.71
C ASP B 249 15.04 -3.32 19.16
N SER B 250 14.22 -4.13 19.87
CA SER B 250 13.94 -5.50 19.43
C SER B 250 13.08 -5.55 18.15
N GLY B 251 12.45 -4.42 17.78
CA GLY B 251 11.64 -4.34 16.57
C GLY B 251 12.40 -4.02 15.30
N THR B 252 13.73 -3.79 15.41
CA THR B 252 14.59 -3.55 14.23
C THR B 252 15.40 -4.82 14.02
N THR B 253 15.58 -5.23 12.77
CA THR B 253 16.38 -6.43 12.48
C THR B 253 17.87 -6.13 12.65
N ASN B 254 18.35 -5.08 12.00
CA ASN B 254 19.77 -4.84 11.90
C ASN B 254 20.41 -4.06 13.02
N LEU B 255 21.76 -4.01 12.99
CA LEU B 255 22.52 -3.01 13.71
C LEU B 255 22.50 -1.82 12.74
N ARG B 256 21.87 -0.71 13.13
CA ARG B 256 21.81 0.47 12.24
C ARG B 256 22.72 1.54 12.82
N LEU B 257 23.52 2.17 11.94
CA LEU B 257 24.49 3.17 12.39
C LEU B 257 24.27 4.48 11.66
N PRO B 258 24.52 5.60 12.36
CA PRO B 258 24.41 6.92 11.69
C PRO B 258 25.26 6.92 10.42
N LYS B 259 24.78 7.59 9.37
CA LYS B 259 25.46 7.65 8.07
C LYS B 259 27.01 7.71 8.13
N LYS B 260 27.58 8.69 8.85
CA LYS B 260 29.05 8.85 8.90
C LYS B 260 29.73 7.64 9.56
N VAL B 261 29.08 7.10 10.60
CA VAL B 261 29.61 5.94 11.31
C VAL B 261 29.50 4.70 10.42
N PHE B 262 28.36 4.52 9.73
CA PHE B 262 28.17 3.41 8.82
C PHE B 262 29.24 3.40 7.75
N GLU B 263 29.50 4.55 7.10
CA GLU B 263 30.51 4.65 6.06
C GLU B 263 31.90 4.24 6.60
N ALA B 264 32.27 4.72 7.79
CA ALA B 264 33.57 4.37 8.40
C ALA B 264 33.64 2.89 8.78
N ALA B 265 32.54 2.37 9.37
CA ALA B 265 32.52 0.97 9.78
C ALA B 265 32.61 0.04 8.59
N VAL B 266 31.82 0.29 7.50
CA VAL B 266 31.88 -0.56 6.31
C VAL B 266 33.28 -0.55 5.71
N LYS B 267 33.92 0.62 5.66
CA LYS B 267 35.30 0.67 5.12
C LYS B 267 36.22 -0.23 5.94
N SER B 268 36.07 -0.21 7.28
CA SER B 268 36.92 -1.01 8.16
C SER B 268 36.59 -2.49 8.04
N ILE B 269 35.29 -2.84 7.94
CA ILE B 269 34.92 -4.25 7.81
C ILE B 269 35.40 -4.79 6.46
N LYS B 270 35.26 -3.98 5.37
CA LYS B 270 35.78 -4.38 4.08
C LYS B 270 37.30 -4.60 4.14
N ALA B 271 38.04 -3.71 4.82
CA ALA B 271 39.51 -3.84 4.90
C ALA B 271 39.89 -5.14 5.66
N ALA B 272 39.15 -5.44 6.74
CA ALA B 272 39.43 -6.63 7.53
C ALA B 272 39.14 -7.92 6.75
N SER B 273 38.09 -7.91 5.90
CA SER B 273 37.65 -9.07 5.14
C SER B 273 38.16 -9.08 3.70
N SER B 274 39.18 -8.25 3.40
CA SER B 274 39.66 -8.00 2.03
C SER B 274 40.19 -9.21 1.29
N THR B 275 40.44 -10.35 1.97
CA THR B 275 40.88 -11.54 1.24
C THR B 275 39.76 -12.10 0.32
N GLU B 276 38.51 -11.67 0.52
CA GLU B 276 37.39 -12.03 -0.34
C GLU B 276 36.65 -10.75 -0.70
N LYS B 277 36.33 -10.58 -1.98
CA LYS B 277 35.64 -9.39 -2.46
C LYS B 277 34.20 -9.70 -2.68
N PHE B 278 33.34 -8.80 -2.19
CA PHE B 278 31.91 -8.97 -2.31
C PHE B 278 31.33 -7.80 -3.10
N PRO B 279 30.27 -8.06 -3.88
CA PRO B 279 29.66 -6.97 -4.66
C PRO B 279 29.10 -5.85 -3.79
N ASP B 280 28.95 -4.65 -4.36
CA ASP B 280 28.42 -3.50 -3.64
C ASP B 280 27.04 -3.80 -3.02
N GLY B 281 26.18 -4.57 -3.72
CA GLY B 281 24.85 -4.93 -3.25
C GLY B 281 24.87 -5.69 -1.93
N PHE B 282 25.95 -6.45 -1.70
CA PHE B 282 26.07 -7.17 -0.41
C PHE B 282 26.20 -6.17 0.73
N TRP B 283 27.10 -5.20 0.59
CA TRP B 283 27.38 -4.20 1.61
C TRP B 283 26.21 -3.25 1.84
N LEU B 284 25.28 -3.19 0.87
CA LEU B 284 24.07 -2.38 0.95
C LEU B 284 22.90 -3.16 1.61
N GLY B 285 23.18 -4.40 2.00
CA GLY B 285 22.21 -5.26 2.68
C GLY B 285 21.11 -5.82 1.80
N GLU B 286 21.26 -5.68 0.48
CA GLU B 286 20.26 -6.10 -0.49
C GLU B 286 20.48 -7.50 -1.03
N GLN B 287 21.74 -7.83 -1.36
CA GLN B 287 22.11 -9.06 -2.02
C GLN B 287 22.67 -10.08 -1.04
N LEU B 288 22.34 -11.34 -1.26
CA LEU B 288 22.91 -12.37 -0.43
C LEU B 288 24.27 -12.79 -0.93
N VAL B 289 25.05 -13.38 -0.04
CA VAL B 289 26.32 -14.00 -0.36
C VAL B 289 26.17 -15.47 0.06
N CYS B 290 26.65 -16.42 -0.75
CA CYS B 290 26.52 -17.85 -0.48
C CYS B 290 27.85 -18.55 -0.51
N TRP B 291 28.00 -19.57 0.33
CA TRP B 291 29.16 -20.44 0.33
C TRP B 291 28.69 -21.89 0.34
N GLN B 292 29.54 -22.79 -0.16
CA GLN B 292 29.26 -24.24 -0.10
C GLN B 292 28.95 -24.58 1.38
N ALA B 293 28.02 -25.51 1.59
CA ALA B 293 27.60 -25.92 2.93
C ALA B 293 28.77 -26.14 3.88
N GLY B 294 28.71 -25.46 5.03
CA GLY B 294 29.69 -25.57 6.09
C GLY B 294 30.99 -24.79 5.91
N THR B 295 31.14 -24.09 4.77
CA THR B 295 32.42 -23.42 4.46
C THR B 295 32.43 -21.91 4.66
N THR B 296 31.39 -21.35 5.29
CA THR B 296 31.35 -19.90 5.55
C THR B 296 32.68 -19.49 6.23
N PRO B 297 33.39 -18.51 5.64
CA PRO B 297 34.71 -18.15 6.18
C PRO B 297 34.60 -17.14 7.32
N TRP B 298 33.95 -17.56 8.42
CA TRP B 298 33.75 -16.65 9.55
C TRP B 298 35.02 -15.87 9.93
N ASN B 299 36.16 -16.59 9.91
CA ASN B 299 37.43 -16.03 10.39
C ASN B 299 37.91 -14.81 9.61
N ILE B 300 37.45 -14.63 8.35
CA ILE B 300 37.93 -13.46 7.61
C ILE B 300 37.17 -12.19 7.99
N PHE B 301 36.01 -12.35 8.65
CA PHE B 301 35.19 -11.23 9.07
C PHE B 301 35.59 -10.82 10.50
N PRO B 302 35.58 -9.51 10.77
CA PRO B 302 36.03 -9.04 12.09
C PRO B 302 34.95 -9.10 13.16
N VAL B 303 35.38 -9.07 14.41
CA VAL B 303 34.45 -8.87 15.51
C VAL B 303 34.20 -7.36 15.62
N ILE B 304 33.06 -6.98 16.21
CA ILE B 304 32.70 -5.57 16.40
C ILE B 304 32.42 -5.37 17.86
N SER B 305 33.11 -4.39 18.47
CA SER B 305 32.88 -4.08 19.87
C SER B 305 32.27 -2.70 20.01
N LEU B 306 31.25 -2.60 20.83
CA LEU B 306 30.63 -1.32 21.18
C LEU B 306 30.88 -1.14 22.67
N TYR B 307 31.49 0.00 23.04
CA TYR B 307 31.74 0.30 24.45
C TYR B 307 30.61 1.19 24.91
N LEU B 308 30.04 0.85 26.05
CA LEU B 308 28.89 1.57 26.60
C LEU B 308 29.26 2.22 27.90
N MET B 309 28.63 3.38 28.19
CA MET B 309 28.85 4.05 29.47
C MET B 309 28.48 3.10 30.63
N GLY B 310 29.30 3.07 31.66
CA GLY B 310 29.05 2.22 32.81
C GLY B 310 28.25 2.93 33.89
N GLU B 311 27.95 2.24 34.99
CA GLU B 311 27.19 2.87 36.09
C GLU B 311 28.09 3.67 37.01
N VAL B 312 29.39 3.34 37.01
CA VAL B 312 30.40 3.99 37.86
C VAL B 312 31.02 5.14 37.07
N THR B 313 31.29 6.27 37.73
CA THR B 313 31.89 7.43 37.08
C THR B 313 33.20 7.01 36.40
N ASN B 314 33.38 7.50 35.15
CA ASN B 314 34.57 7.28 34.31
C ASN B 314 34.85 5.81 33.99
N GLN B 315 33.81 4.97 34.00
CA GLN B 315 33.95 3.55 33.71
C GLN B 315 33.06 3.21 32.52
N SER B 316 33.57 2.37 31.63
CA SER B 316 32.75 1.82 30.53
C SER B 316 32.94 0.29 30.52
N PHE B 317 32.16 -0.38 29.67
CA PHE B 317 32.36 -1.82 29.44
C PHE B 317 32.12 -2.02 27.95
N ARG B 318 32.46 -3.19 27.41
CA ARG B 318 32.21 -3.41 25.99
C ARG B 318 31.39 -4.66 25.76
N ILE B 319 30.63 -4.64 24.67
CA ILE B 319 29.92 -5.82 24.17
C ILE B 319 30.56 -6.13 22.80
N THR B 320 30.86 -7.38 22.55
CA THR B 320 31.52 -7.78 21.30
C THR B 320 30.69 -8.80 20.58
N ILE B 321 30.42 -8.53 19.30
CA ILE B 321 29.63 -9.44 18.48
C ILE B 321 30.48 -9.99 17.36
N LEU B 322 30.07 -11.11 16.85
CA LEU B 322 30.77 -11.82 15.82
C LEU B 322 30.07 -11.67 14.49
N PRO B 323 30.71 -12.06 13.36
CA PRO B 323 29.98 -12.12 12.08
C PRO B 323 28.77 -13.07 12.17
N GLN B 324 28.78 -14.07 13.10
CA GLN B 324 27.60 -14.94 13.24
C GLN B 324 26.37 -14.14 13.72
N GLN B 325 26.57 -12.95 14.29
CA GLN B 325 25.45 -12.06 14.62
C GLN B 325 25.14 -11.10 13.48
N TYR B 326 26.15 -10.47 12.84
CA TYR B 326 25.83 -9.44 11.84
C TYR B 326 25.69 -9.95 10.41
N LEU B 327 25.89 -11.26 10.15
CA LEU B 327 25.58 -11.89 8.88
C LEU B 327 24.30 -12.68 9.17
N ARG B 328 23.18 -12.25 8.58
CA ARG B 328 21.88 -12.88 8.87
C ARG B 328 21.61 -14.03 7.92
N PRO B 329 21.40 -15.26 8.45
CA PRO B 329 21.13 -16.40 7.54
C PRO B 329 19.82 -16.23 6.76
N VAL B 330 19.90 -16.49 5.45
CA VAL B 330 18.73 -16.42 4.55
C VAL B 330 18.74 -17.62 3.63
N GLU B 331 17.57 -18.00 3.13
CA GLU B 331 17.54 -19.11 2.18
C GLU B 331 17.83 -18.57 0.79
N ASP B 332 18.59 -19.34 0.01
CA ASP B 332 19.04 -19.06 -1.35
C ASP B 332 17.85 -18.83 -2.30
N SER B 336 18.93 -24.69 -2.60
CA SER B 336 20.27 -25.26 -2.61
C SER B 336 20.69 -25.68 -1.19
N GLN B 337 21.88 -26.29 -1.07
CA GLN B 337 22.45 -26.66 0.21
C GLN B 337 23.52 -25.66 0.61
N ASP B 338 23.65 -24.54 -0.11
CA ASP B 338 24.63 -23.54 0.30
C ASP B 338 24.18 -22.83 1.58
N ASP B 339 25.16 -22.28 2.30
CA ASP B 339 24.89 -21.45 3.46
C ASP B 339 24.98 -19.99 2.98
N CYS B 340 23.86 -19.28 3.08
CA CYS B 340 23.68 -17.92 2.55
C CYS B 340 23.32 -16.92 3.60
N TYR B 341 23.80 -15.67 3.39
CA TYR B 341 23.59 -14.60 4.37
C TYR B 341 23.38 -13.25 3.73
N LYS B 342 22.73 -12.35 4.48
CA LYS B 342 22.65 -10.95 4.14
C LYS B 342 23.46 -10.17 5.20
N PHE B 343 24.09 -9.07 4.79
CA PHE B 343 24.82 -8.21 5.71
C PHE B 343 23.77 -7.40 6.50
N ALA B 344 23.79 -7.54 7.81
CA ALA B 344 22.76 -6.96 8.69
C ALA B 344 23.23 -5.77 9.46
N ILE B 345 24.06 -4.95 8.82
CA ILE B 345 24.47 -3.65 9.32
C ILE B 345 24.05 -2.68 8.25
N SER B 346 23.31 -1.63 8.64
CA SER B 346 22.82 -0.67 7.66
C SER B 346 22.81 0.74 8.16
N GLN B 347 22.66 1.71 7.25
CA GLN B 347 22.72 3.12 7.57
C GLN B 347 21.42 3.60 8.21
N SER B 348 21.54 4.63 9.04
CA SER B 348 20.41 5.28 9.69
C SER B 348 20.56 6.81 9.64
N SER B 349 19.43 7.51 9.59
CA SER B 349 19.38 8.96 9.66
C SER B 349 18.72 9.35 11.00
N THR B 350 18.42 8.34 11.86
CA THR B 350 17.76 8.53 13.16
C THR B 350 18.57 7.96 14.34
N GLY B 351 19.89 7.85 14.17
CA GLY B 351 20.74 7.39 15.26
C GLY B 351 21.11 5.92 15.20
N THR B 352 21.89 5.47 16.19
CA THR B 352 22.28 4.06 16.24
C THR B 352 21.08 3.25 16.73
N VAL B 353 20.88 2.09 16.13
CA VAL B 353 19.82 1.18 16.60
C VAL B 353 20.47 -0.17 16.83
N MET B 354 20.47 -0.59 18.10
CA MET B 354 20.98 -1.93 18.43
C MET B 354 19.77 -2.88 18.27
N GLY B 355 19.60 -3.41 17.06
CA GLY B 355 18.48 -4.27 16.70
C GLY B 355 18.67 -5.70 17.10
N ALA B 356 17.82 -6.53 16.55
CA ALA B 356 17.74 -7.93 16.90
C ALA B 356 19.01 -8.67 16.65
N VAL B 357 19.76 -8.34 15.60
CA VAL B 357 20.99 -9.10 15.35
C VAL B 357 22.08 -8.80 16.45
N ILE B 358 22.09 -7.59 17.13
CA ILE B 358 22.93 -7.25 18.31
C ILE B 358 22.33 -8.04 19.50
N MET B 359 20.99 -7.94 19.68
CA MET B 359 20.33 -8.56 20.81
C MET B 359 20.49 -10.08 20.83
N GLU B 360 20.64 -10.73 19.66
CA GLU B 360 20.83 -12.17 19.59
C GLU B 360 22.14 -12.64 20.22
N GLY B 361 23.08 -11.74 20.41
CA GLY B 361 24.34 -12.14 21.07
C GLY B 361 24.24 -12.10 22.59
N PHE B 362 23.22 -11.41 23.14
CA PHE B 362 23.17 -11.12 24.56
C PHE B 362 21.85 -11.36 25.22
N TYR B 363 21.90 -11.57 26.52
CA TYR B 363 20.71 -11.55 27.35
C TYR B 363 20.64 -10.07 27.79
N VAL B 364 19.50 -9.40 27.51
CA VAL B 364 19.36 -7.98 27.75
C VAL B 364 18.31 -7.72 28.81
N VAL B 365 18.71 -7.03 29.88
CA VAL B 365 17.83 -6.74 31.02
C VAL B 365 17.40 -5.31 30.97
N PHE B 366 16.07 -5.08 30.81
CA PHE B 366 15.51 -3.74 30.75
C PHE B 366 15.06 -3.40 32.17
N ASP B 367 16.00 -2.90 32.96
CA ASP B 367 15.77 -2.63 34.39
C ASP B 367 15.22 -1.22 34.54
N ARG B 368 13.91 -1.12 34.30
CA ARG B 368 13.24 0.16 34.36
C ARG B 368 13.28 0.74 35.78
N ALA B 369 13.16 -0.12 36.79
CA ALA B 369 13.16 0.32 38.20
C ALA B 369 14.43 1.08 38.58
N ARG B 370 15.58 0.63 38.04
CA ARG B 370 16.90 1.21 38.33
C ARG B 370 17.45 2.03 37.13
N LYS B 371 16.60 2.31 36.11
CA LYS B 371 16.94 3.15 34.97
C LYS B 371 18.28 2.68 34.32
N ARG B 372 18.35 1.38 34.01
CA ARG B 372 19.57 0.84 33.43
C ARG B 372 19.27 -0.35 32.55
N ILE B 373 20.19 -0.64 31.61
CA ILE B 373 20.05 -1.81 30.73
C ILE B 373 21.26 -2.70 30.97
N GLY B 374 21.02 -3.98 31.23
CA GLY B 374 22.09 -4.93 31.45
C GLY B 374 22.33 -5.81 30.25
N PHE B 375 23.60 -6.18 30.05
CA PHE B 375 24.01 -7.09 29.00
C PHE B 375 24.85 -8.20 29.59
N ALA B 376 24.59 -9.41 29.15
CA ALA B 376 25.43 -10.55 29.46
C ALA B 376 25.49 -11.43 28.20
N VAL B 377 26.55 -12.24 28.06
CA VAL B 377 26.62 -13.15 26.92
C VAL B 377 25.42 -14.11 26.95
N SER B 378 24.72 -14.22 25.82
CA SER B 378 23.58 -15.13 25.77
C SER B 378 24.02 -16.58 25.76
N ALA B 379 23.27 -17.41 26.50
CA ALA B 379 23.50 -18.86 26.49
C ALA B 379 23.11 -19.46 25.11
N CYS B 380 22.38 -18.70 24.25
CA CYS B 380 21.96 -19.21 22.93
C CYS B 380 22.66 -18.49 21.75
N HIS B 381 23.74 -17.71 22.01
CA HIS B 381 24.33 -17.03 20.85
C HIS B 381 25.09 -17.99 19.95
N VAL B 382 25.08 -17.69 18.67
CA VAL B 382 25.75 -18.49 17.65
C VAL B 382 27.23 -18.09 17.61
N HIS B 383 28.11 -19.10 17.62
CA HIS B 383 29.55 -18.81 17.56
C HIS B 383 30.26 -19.98 16.88
N ASP B 384 31.58 -19.95 16.89
CA ASP B 384 32.34 -21.05 16.34
C ASP B 384 33.33 -21.52 17.42
N GLU B 385 34.24 -22.45 17.07
CA GLU B 385 35.16 -22.97 18.09
C GLU B 385 36.26 -21.99 18.45
N PHE B 386 36.43 -20.93 17.65
CA PHE B 386 37.56 -20.02 17.90
C PHE B 386 37.23 -18.71 18.56
N ARG B 387 35.99 -18.23 18.40
CA ARG B 387 35.60 -16.91 18.95
C ARG B 387 34.21 -17.03 19.55
N THR B 388 33.93 -16.16 20.53
CA THR B 388 32.61 -16.08 21.16
C THR B 388 32.25 -14.61 21.34
N ALA B 389 30.95 -14.33 21.46
CA ALA B 389 30.54 -12.99 21.84
C ALA B 389 31.05 -12.77 23.29
N ALA B 390 31.14 -11.51 23.69
CA ALA B 390 31.68 -11.18 24.99
C ALA B 390 31.07 -9.93 25.56
N VAL B 391 31.09 -9.83 26.90
CA VAL B 391 30.68 -8.63 27.66
C VAL B 391 31.78 -8.49 28.70
N GLU B 392 32.58 -7.42 28.59
CA GLU B 392 33.80 -7.30 29.42
C GLU B 392 33.97 -5.91 29.94
N GLY B 393 34.64 -5.81 31.09
CA GLY B 393 34.94 -4.52 31.67
C GLY B 393 35.68 -4.69 32.97
N PRO B 394 35.95 -3.57 33.66
CA PRO B 394 35.73 -2.20 33.23
C PRO B 394 36.91 -1.60 32.47
N PHE B 395 36.64 -0.47 31.80
CA PHE B 395 37.64 0.33 31.12
C PHE B 395 37.54 1.73 31.62
N VAL B 396 38.68 2.42 31.74
CA VAL B 396 38.63 3.82 32.15
C VAL B 396 38.28 4.65 30.90
N THR B 397 37.18 5.42 30.95
CA THR B 397 36.76 6.28 29.84
C THR B 397 36.37 7.63 30.41
N LEU B 398 36.99 8.69 29.90
CA LEU B 398 36.70 10.03 30.39
C LEU B 398 35.70 10.77 29.53
N ASP B 399 35.07 11.81 30.12
CA ASP B 399 34.10 12.73 29.49
C ASP B 399 33.02 12.00 28.67
N MET B 400 32.44 10.94 29.26
CA MET B 400 31.42 10.14 28.56
C MET B 400 30.11 10.90 28.31
N GLU B 401 29.80 11.90 29.15
CA GLU B 401 28.58 12.73 28.96
C GLU B 401 28.67 13.50 27.65
N ASP B 402 29.91 13.87 27.22
CA ASP B 402 30.18 14.55 25.95
C ASP B 402 29.83 13.68 24.74
N CYS B 403 29.66 12.36 24.92
CA CYS B 403 29.31 11.46 23.82
C CYS B 403 27.83 11.56 23.48
N GLY B 404 27.01 12.03 24.42
CA GLY B 404 25.58 12.18 24.22
C GLY B 404 25.28 13.38 23.36
N TYR B 405 24.32 13.24 22.46
CA TYR B 405 23.92 14.33 21.59
C TYR B 405 22.77 15.12 22.19
N ASN B 406 22.80 16.47 22.02
CA ASN B 406 21.76 17.38 22.48
C ASN B 406 21.23 18.18 21.29
O1 TLA C . -37.26 3.90 -29.50
O11 TLA C . -36.64 5.20 -31.21
C1 TLA C . -36.52 4.74 -29.99
C2 TLA C . -35.30 5.27 -29.24
O2 TLA C . -35.27 4.74 -27.93
C3 TLA C . -35.30 6.80 -29.19
O3 TLA C . -36.47 7.25 -28.52
C4 TLA C . -34.06 7.31 -28.46
O4 TLA C . -34.14 7.98 -27.45
O41 TLA C . -32.92 6.94 -29.03
C1 60S D . -18.39 -3.92 -18.34
C2 60S D . -17.98 -4.63 -17.04
C4 60S D . -16.72 -2.20 -17.73
C5 60S D . -17.46 -3.71 -15.98
C7 60S D . -16.59 -6.91 -19.50
C10 60S D . -14.91 -8.50 -19.54
C11 60S D . -19.76 -3.33 -18.24
N12 60S D . -17.09 -7.27 -20.68
C14 60S D . -15.38 -8.92 -20.76
C15 60S D . -16.88 -5.59 -17.42
C18 60S D . -21.00 -3.93 -18.10
C19 60S D . -21.60 -1.68 -17.98
C24 60S D . -22.05 -2.98 -17.96
N3 60S D . -16.91 -2.53 -16.42
N6 60S D . -17.36 -2.95 -18.67
N8 60S D . -15.51 -7.48 -18.92
N9 60S D . -17.20 -5.84 -18.81
C13 60S D . -18.31 -5.07 -19.33
S16 60S D . -19.91 -1.62 -18.21
C17 60S D . -16.47 -8.27 -21.31
N20 60S D . -13.80 -9.15 -19.01
N21 60S D . -22.89 0.51 -17.62
N22 60S D . -15.95 -1.21 -18.06
C23 60S D . -22.35 -0.49 -17.82
O25 60S D . -17.47 -4.04 -14.80
F26 60S D . -14.75 -9.91 -21.40
C27 60S D . -16.44 -1.61 -15.40
C28 60S D . -17.04 -8.68 -22.65
C29 60S D . -13.69 -9.00 -17.55
O1 TLA E . -4.07 -20.16 14.46
O11 TLA E . -3.94 -21.09 16.48
C1 TLA E . -3.44 -20.44 15.47
C2 TLA E . -2.02 -19.95 15.67
O2 TLA E . -1.55 -19.27 14.53
C3 TLA E . -1.08 -21.13 16.01
O3 TLA E . -1.08 -22.05 14.93
C4 TLA E . 0.34 -20.61 16.25
O4 TLA E . 1.27 -20.99 15.57
O41 TLA E . 0.45 -19.75 17.23
C1 60S F . 7.76 -0.14 14.62
C2 60S F . 8.27 0.93 13.66
C4 60S F . 10.10 -0.34 15.45
C5 60S F . 9.73 0.76 13.31
C7 60S F . 6.32 2.95 15.93
C10 60S F . 6.28 5.16 16.55
C11 60S F . 7.43 -1.39 13.93
N12 60S F . 5.14 2.68 16.48
C14 60S F . 5.07 4.93 17.17
C15 60S F . 8.11 2.24 14.39
C18 60S F . 6.42 -1.67 13.02
C19 60S F . 7.55 -3.71 13.02
C24 60S F . 6.48 -2.99 12.51
N3 60S F . 10.53 0.10 14.22
N6 60S F . 8.75 -0.32 15.68
N8 60S F . 6.92 4.16 15.93
N9 60S F . 7.00 1.93 15.28
C13 60S F . 6.56 0.55 15.25
S16 60S F . 8.42 -2.79 14.16
C17 60S F . 4.52 3.66 17.13
N20 60S F . 6.82 6.46 16.62
N21 60S F . 8.28 -6.09 12.41
N22 60S F . 10.94 -0.70 16.37
C23 60S F . 7.93 -5.03 12.69
O25 60S F . 10.14 1.25 12.26
F26 60S F . 4.47 5.93 17.81
C27 60S F . 11.92 -0.08 13.84
C28 60S F . 3.21 3.33 17.77
C29 60S F . 7.73 6.73 15.51
#